data_1EV1
#
_entry.id   1EV1
#
_cell.length_a   472.150
_cell.length_b   483.200
_cell.length_c   352.450
_cell.angle_alpha   90.00
_cell.angle_beta   90.00
_cell.angle_gamma   90.00
#
_symmetry.space_group_name_H-M   'P 21 21 2'
#
loop_
_entity.id
_entity.type
_entity.pdbx_description
1 polymer 'ECHOVIRUS 1'
2 polymer 'ECHOVIRUS 1'
3 polymer 'ECHOVIRUS 1'
4 polymer 'ECHOVIRUS 1'
5 non-polymer 'PALMITIC ACID'
6 non-polymer 'MYRISTIC ACID'
7 water water
#
loop_
_entity_poly.entity_id
_entity_poly.type
_entity_poly.pdbx_seq_one_letter_code
_entity_poly.pdbx_strand_id
1 'polypeptide(L)'
;GDVQNAVEGAMVRVADTVQTSATNSERVPNLTAVETGHTSQAVPGDTMQTRHVINNHVRSESTIENFLARSACVFYLEYK
TGTKEDSNSFNNWVITTRRVAQLRRKLEMFTYLRFDMEITVVITSSQDQSTSQNQNAPVLTHQIMYVPPGGPIPVSVDDY
SWQTSTNPSIFWTEGNAPARMSIPFISIGNAYSNFYDGWSHFSQAGVYGFTTLNNMGQLFFRHVNKPNPAAITSVARIYF
KPKHVRAWVPRPPRLCPYINSTNVNFEPKPVTEVRTNIITT
;
1
2 'polypeptide(L)'
;GYSDRVRSITLGNSTITTQECANVVVGYGEWPEYLSDNEATAEDQPTQPDVATCRFYTLDSVQWENGSPGWWWKFPDALR
DMGLFGQNMYYHYLGRAGYTIHVQCNASKFHQGCILVVCVPEAEMGSAQTSGVVNYEHISKGEIASRFTTTTTAEDHGVQ
AAVWNAGMGVGVGNLTIFPHQWINLRTNNSATIVMPYVNSVPMDNMYRHHNFTLMIIPFVPLDFSAGASTYVPITVTVAP
MCAEYNGLRLAGHQ
;
2
3 'polypeptide(L)'
;GLPTMNTPGSNQFLTSDDFQSPSAMPQFDVTPEMHIPGEVRNLMEIAEVDSVMPINNDSAAKVSSMEAYRVELSTNTNAG
TQVFGFQLNPGAESVMNRTLMGEILNYYAHWSGSIKITFVFCGSAMTTGKFLLSYAPPGAGAPKTRKDAMLGTHVVWDVG
LQSSCVLCIPWISQTHYRFVEKDPYTNAGFVTCWYQTSVVSPASNQPKCYMMCMVSACNDFSVRMLRDTKFIEQTSFYQ
;
3
4 'polypeptide(L)' GAQVSTQKTGAHETSLSATGNSIIHYTNINYYKDAASNSANRQDFTQDPGKFTEPMKDVMIKTLPALN 4
#
# COMPACT_ATOMS: atom_id res chain seq x y z
N GLY A 1 -13.07 8.73 -17.03
CA GLY A 1 -12.76 10.09 -16.57
C GLY A 1 -11.43 10.57 -17.16
N ASP A 2 -11.02 11.83 -17.24
CA ASP A 2 -9.72 12.11 -17.84
C ASP A 2 -8.90 12.96 -16.89
N VAL A 3 -8.01 12.30 -16.17
CA VAL A 3 -7.10 12.96 -15.23
C VAL A 3 -6.37 14.21 -15.70
N GLN A 4 -6.24 14.42 -17.01
CA GLN A 4 -5.68 15.67 -17.53
C GLN A 4 -6.69 16.80 -17.70
N ASN A 5 -7.95 16.44 -17.87
CA ASN A 5 -9.04 17.42 -17.90
C ASN A 5 -9.58 17.66 -16.49
N ALA A 6 -8.84 18.57 -15.86
CA ALA A 6 -9.06 18.99 -14.49
C ALA A 6 -10.44 19.49 -14.07
N VAL A 7 -10.98 20.29 -14.97
CA VAL A 7 -12.27 20.92 -14.80
C VAL A 7 -13.36 19.97 -15.30
N GLU A 8 -13.41 18.82 -14.66
CA GLU A 8 -14.36 17.77 -14.96
C GLU A 8 -14.34 16.70 -13.88
N GLY A 9 -15.23 16.95 -12.92
CA GLY A 9 -15.27 16.12 -11.73
C GLY A 9 -16.36 15.09 -11.62
N ALA A 10 -16.51 14.61 -10.39
CA ALA A 10 -17.51 13.61 -10.04
C ALA A 10 -17.81 13.67 -8.55
N MET A 11 -18.95 14.21 -8.17
CA MET A 11 -19.31 14.35 -6.76
C MET A 11 -19.92 13.10 -6.14
N VAL A 12 -19.16 12.46 -5.31
CA VAL A 12 -19.58 11.24 -4.64
C VAL A 12 -19.52 11.37 -3.12
N ARG A 13 -20.69 11.55 -2.54
CA ARG A 13 -20.82 11.62 -1.09
C ARG A 13 -20.75 10.29 -0.36
N VAL A 14 -20.59 10.41 0.93
CA VAL A 14 -20.52 9.27 1.84
C VAL A 14 -21.85 8.58 2.11
N ALA A 15 -21.89 7.35 2.60
CA ALA A 15 -23.16 6.67 2.80
C ALA A 15 -24.01 6.99 4.02
N ASP A 16 -25.28 7.22 3.77
CA ASP A 16 -26.24 7.53 4.80
C ASP A 16 -26.62 6.44 5.76
N THR A 17 -26.98 6.83 6.96
CA THR A 17 -27.46 5.84 7.92
C THR A 17 -28.94 5.63 7.80
N VAL A 18 -29.25 4.42 7.38
CA VAL A 18 -30.61 3.96 7.25
C VAL A 18 -31.15 3.50 8.60
N GLN A 19 -32.40 3.80 8.92
CA GLN A 19 -32.95 3.41 10.20
C GLN A 19 -33.18 1.91 10.37
N THR A 20 -32.64 1.34 11.43
CA THR A 20 -32.88 -0.05 11.72
C THR A 20 -33.86 -0.28 12.85
N SER A 21 -34.68 -1.30 12.74
CA SER A 21 -35.57 -1.69 13.84
C SER A 21 -35.07 -2.91 14.59
N ALA A 22 -35.72 -3.36 15.64
CA ALA A 22 -35.30 -4.61 16.28
C ALA A 22 -35.47 -5.83 15.38
N THR A 23 -34.69 -6.88 15.57
CA THR A 23 -34.78 -8.11 14.79
C THR A 23 -34.60 -9.37 15.60
N ASN A 24 -35.14 -10.45 15.08
CA ASN A 24 -35.04 -11.78 15.67
C ASN A 24 -35.17 -12.71 14.51
N SER A 25 -34.05 -13.16 13.93
CA SER A 25 -34.12 -13.92 12.68
C SER A 25 -32.96 -14.81 12.34
N GLU A 26 -33.07 -15.52 11.22
CA GLU A 26 -31.99 -16.37 10.77
C GLU A 26 -30.89 -15.71 9.98
N ARG A 27 -31.01 -14.43 9.68
CA ARG A 27 -29.97 -13.82 8.90
C ARG A 27 -28.92 -13.19 9.78
N VAL A 28 -27.66 -13.51 9.50
CA VAL A 28 -26.53 -13.08 10.31
C VAL A 28 -25.44 -12.19 9.67
N PRO A 29 -25.70 -10.88 9.52
CA PRO A 29 -24.81 -9.97 8.84
C PRO A 29 -23.45 -9.77 9.49
N ASN A 30 -23.36 -10.01 10.80
CA ASN A 30 -22.07 -9.88 11.44
C ASN A 30 -21.35 -11.19 11.78
N LEU A 31 -21.84 -12.33 11.30
CA LEU A 31 -21.14 -13.58 11.43
C LEU A 31 -20.65 -14.01 10.06
N THR A 32 -19.33 -14.08 9.93
CA THR A 32 -18.68 -14.34 8.65
C THR A 32 -17.38 -15.11 8.76
N ALA A 33 -16.57 -15.22 7.71
CA ALA A 33 -15.30 -15.94 7.76
C ALA A 33 -14.08 -15.20 7.19
N VAL A 34 -13.24 -14.60 8.01
CA VAL A 34 -12.05 -13.86 7.58
C VAL A 34 -11.15 -14.59 6.57
N GLU A 35 -11.07 -15.91 6.72
CA GLU A 35 -10.32 -16.82 5.85
C GLU A 35 -10.51 -16.63 4.36
N THR A 36 -11.74 -16.27 4.02
CA THR A 36 -12.18 -15.95 2.66
C THR A 36 -11.33 -14.94 1.92
N GLY A 37 -10.73 -14.03 2.65
CA GLY A 37 -9.99 -12.93 2.07
C GLY A 37 -10.88 -11.71 1.86
N HIS A 38 -12.12 -11.80 2.31
CA HIS A 38 -13.10 -10.75 2.17
C HIS A 38 -13.23 -9.80 3.36
N THR A 39 -13.45 -8.51 3.16
CA THR A 39 -13.71 -7.57 4.28
C THR A 39 -15.18 -7.43 4.61
N SER A 40 -15.64 -7.49 5.86
CA SER A 40 -17.08 -7.40 6.14
C SER A 40 -17.74 -6.10 5.69
N GLN A 41 -18.71 -6.08 4.81
CA GLN A 41 -19.38 -4.84 4.44
C GLN A 41 -20.52 -4.45 5.39
N ALA A 42 -20.34 -4.70 6.66
CA ALA A 42 -21.31 -4.36 7.66
C ALA A 42 -21.36 -2.85 7.88
N VAL A 43 -22.57 -2.46 8.22
CA VAL A 43 -22.99 -1.11 8.50
C VAL A 43 -23.50 -1.14 9.93
N PRO A 44 -23.40 -0.14 10.83
CA PRO A 44 -23.96 -0.20 12.17
C PRO A 44 -25.39 -0.69 12.32
N GLY A 45 -26.25 -0.37 11.38
CA GLY A 45 -27.61 -0.89 11.38
C GLY A 45 -27.75 -2.42 11.31
N ASP A 46 -26.71 -3.20 11.12
CA ASP A 46 -26.82 -4.64 11.14
C ASP A 46 -26.66 -5.24 12.53
N THR A 47 -26.14 -4.41 13.43
CA THR A 47 -25.84 -4.79 14.81
C THR A 47 -26.65 -4.01 15.83
N MET A 48 -26.94 -2.76 15.58
CA MET A 48 -27.75 -1.91 16.43
C MET A 48 -29.00 -1.44 15.71
N GLN A 49 -29.98 -0.93 16.44
CA GLN A 49 -31.02 -0.19 15.75
C GLN A 49 -30.65 1.30 15.69
N THR A 50 -30.30 1.66 14.49
CA THR A 50 -29.89 3.00 14.11
C THR A 50 -30.96 3.99 13.73
N ARG A 51 -30.68 5.29 13.75
CA ARG A 51 -31.65 6.26 13.28
C ARG A 51 -31.44 6.59 11.80
N HIS A 52 -32.13 7.56 11.20
CA HIS A 52 -31.79 7.92 9.84
C HIS A 52 -30.90 9.15 9.79
N VAL A 53 -29.65 9.00 9.41
CA VAL A 53 -28.74 10.13 9.25
C VAL A 53 -28.36 10.36 7.80
N ILE A 54 -28.42 11.59 7.33
CA ILE A 54 -28.02 11.93 5.99
C ILE A 54 -26.57 12.42 5.93
N ASN A 55 -25.64 11.58 5.54
CA ASN A 55 -24.23 11.97 5.44
C ASN A 55 -23.87 12.78 4.22
N ASN A 56 -23.89 14.11 4.26
CA ASN A 56 -23.37 14.90 3.16
C ASN A 56 -21.87 15.13 3.11
N HIS A 57 -21.16 14.29 3.86
CA HIS A 57 -19.71 14.31 3.88
C HIS A 57 -19.16 13.84 2.55
N VAL A 58 -18.06 14.37 2.03
CA VAL A 58 -17.52 13.80 0.81
C VAL A 58 -16.07 13.38 1.00
N ARG A 59 -15.58 12.31 0.36
CA ARG A 59 -14.18 11.91 0.52
C ARG A 59 -13.17 12.65 -0.36
N SER A 60 -13.30 13.96 -0.26
CA SER A 60 -12.53 14.95 -0.99
C SER A 60 -11.01 14.91 -0.95
N GLU A 61 -10.40 15.31 0.18
CA GLU A 61 -8.98 15.32 0.37
C GLU A 61 -8.25 13.99 0.38
N SER A 62 -8.97 12.88 0.43
CA SER A 62 -8.34 11.56 0.35
C SER A 62 -8.26 11.00 -1.05
N THR A 63 -8.75 11.71 -2.06
CA THR A 63 -8.53 11.46 -3.48
C THR A 63 -7.06 11.29 -3.80
N ILE A 64 -6.55 10.37 -4.64
CA ILE A 64 -5.10 10.26 -4.88
C ILE A 64 -4.49 11.58 -5.29
N GLU A 65 -5.17 12.29 -6.18
CA GLU A 65 -4.76 13.62 -6.58
C GLU A 65 -4.66 14.57 -5.40
N ASN A 66 -5.69 14.92 -4.64
CA ASN A 66 -5.55 15.81 -3.49
C ASN A 66 -4.50 15.40 -2.46
N PHE A 67 -4.31 14.11 -2.29
CA PHE A 67 -3.26 13.58 -1.44
C PHE A 67 -1.87 13.82 -1.99
N LEU A 68 -1.57 13.48 -3.23
CA LEU A 68 -0.26 13.68 -3.82
C LEU A 68 0.04 15.05 -4.40
N ALA A 69 -0.98 15.76 -4.86
CA ALA A 69 -0.85 17.06 -5.49
C ALA A 69 -0.66 18.26 -4.58
N ARG A 70 0.24 18.11 -3.62
CA ARG A 70 0.66 19.21 -2.78
C ARG A 70 2.18 19.23 -2.94
N SER A 71 2.72 20.36 -3.39
CA SER A 71 4.13 20.48 -3.72
C SER A 71 5.18 20.29 -2.63
N ALA A 72 5.85 19.15 -2.69
CA ALA A 72 6.87 18.76 -1.73
C ALA A 72 8.34 18.94 -2.10
N CYS A 73 9.23 19.26 -1.16
CA CYS A 73 10.66 19.31 -1.46
C CYS A 73 11.29 17.94 -1.62
N VAL A 74 11.97 17.68 -2.72
CA VAL A 74 12.63 16.40 -2.91
C VAL A 74 14.14 16.37 -2.72
N PHE A 75 14.75 17.55 -2.84
CA PHE A 75 16.20 17.70 -2.72
C PHE A 75 16.68 19.14 -2.80
N TYR A 76 17.74 19.48 -2.10
CA TYR A 76 18.39 20.74 -2.36
C TYR A 76 19.90 20.62 -2.60
N LEU A 77 20.35 21.51 -3.47
CA LEU A 77 21.68 21.48 -4.00
C LEU A 77 22.45 22.79 -3.83
N GLU A 78 23.77 22.79 -3.66
CA GLU A 78 24.49 24.05 -3.41
C GLU A 78 25.61 24.45 -4.38
N TYR A 79 25.83 25.72 -4.71
CA TYR A 79 26.91 26.15 -5.62
C TYR A 79 27.40 27.60 -5.49
N LYS A 80 28.71 27.83 -5.47
CA LYS A 80 29.26 29.17 -5.33
C LYS A 80 29.51 29.94 -6.60
N THR A 81 29.66 31.24 -6.47
CA THR A 81 29.98 32.07 -7.63
C THR A 81 31.46 31.92 -7.98
N GLY A 82 31.87 31.37 -9.13
CA GLY A 82 33.33 31.16 -9.35
C GLY A 82 33.88 31.07 -10.78
N THR A 83 35.11 30.58 -10.90
CA THR A 83 35.76 30.44 -12.20
C THR A 83 35.80 28.99 -12.66
N LYS A 84 36.31 28.74 -13.89
CA LYS A 84 36.51 27.36 -14.37
C LYS A 84 37.30 26.50 -13.39
N GLU A 85 38.28 27.12 -12.76
CA GLU A 85 39.12 26.48 -11.76
C GLU A 85 38.38 26.01 -10.51
N ASP A 86 37.29 26.69 -10.19
CA ASP A 86 36.54 26.31 -9.00
C ASP A 86 35.54 25.17 -9.19
N SER A 87 35.84 23.95 -8.73
CA SER A 87 34.87 22.84 -8.85
C SER A 87 33.45 23.12 -8.33
N ASN A 88 33.44 23.77 -7.18
CA ASN A 88 32.23 24.23 -6.50
C ASN A 88 31.46 25.39 -7.15
N SER A 89 31.88 25.88 -8.30
CA SER A 89 31.16 26.98 -8.96
C SER A 89 29.87 26.55 -9.67
N PHE A 90 29.73 25.25 -9.87
CA PHE A 90 28.48 24.69 -10.36
C PHE A 90 28.12 23.36 -9.70
N ASN A 91 26.96 22.76 -9.94
CA ASN A 91 26.59 21.50 -9.31
C ASN A 91 25.55 20.67 -10.06
N ASN A 92 25.27 19.43 -9.69
CA ASN A 92 24.23 18.65 -10.32
C ASN A 92 23.46 17.69 -9.42
N TRP A 93 22.29 17.29 -9.89
CA TRP A 93 21.48 16.33 -9.18
C TRP A 93 20.88 15.28 -10.09
N VAL A 94 21.17 14.02 -9.80
CA VAL A 94 20.50 12.91 -10.50
C VAL A 94 19.09 12.80 -9.94
N ILE A 95 18.10 12.97 -10.81
CA ILE A 95 16.72 13.05 -10.37
C ILE A 95 16.15 11.78 -9.74
N THR A 96 15.67 11.95 -8.51
CA THR A 96 15.09 10.87 -7.73
C THR A 96 14.15 11.27 -6.59
N THR A 97 13.09 10.50 -6.54
CA THR A 97 12.10 10.56 -5.47
C THR A 97 12.60 10.07 -4.11
N ARG A 98 13.47 9.08 -4.13
CA ARG A 98 13.89 8.38 -2.91
C ARG A 98 14.88 9.05 -1.95
N ARG A 99 15.26 10.26 -2.31
CA ARG A 99 16.21 11.05 -1.55
C ARG A 99 15.70 11.59 -0.20
N VAL A 100 14.46 12.08 -0.22
CA VAL A 100 13.77 12.54 0.99
C VAL A 100 12.85 11.49 1.61
N ALA A 101 12.52 11.64 2.88
CA ALA A 101 11.67 10.69 3.58
C ALA A 101 10.17 10.89 3.37
N GLN A 102 9.71 12.13 3.45
CA GLN A 102 8.27 12.40 3.38
C GLN A 102 7.55 12.10 2.06
N LEU A 103 7.89 12.71 0.91
CA LEU A 103 7.23 12.35 -0.35
C LEU A 103 7.41 10.90 -0.75
N ARG A 104 8.59 10.35 -0.48
CA ARG A 104 8.86 8.94 -0.76
C ARG A 104 7.85 8.01 -0.09
N ARG A 105 7.57 8.16 1.20
CA ARG A 105 6.56 7.33 1.83
C ARG A 105 5.18 7.50 1.19
N LYS A 106 4.80 8.71 0.80
CA LYS A 106 3.53 8.94 0.14
C LYS A 106 3.40 8.23 -1.19
N LEU A 107 4.38 8.37 -2.07
CA LEU A 107 4.36 7.74 -3.38
C LEU A 107 4.41 6.22 -3.26
N GLU A 108 5.31 5.74 -2.43
CA GLU A 108 5.46 4.30 -2.19
C GLU A 108 4.27 3.56 -1.60
N MET A 109 3.20 4.26 -1.17
CA MET A 109 1.97 3.57 -0.79
C MET A 109 1.26 2.90 -1.97
N PHE A 110 1.74 3.17 -3.18
CA PHE A 110 1.21 2.60 -4.39
C PHE A 110 2.35 1.95 -5.16
N THR A 111 2.16 0.76 -5.74
CA THR A 111 3.22 0.09 -6.49
C THR A 111 3.61 0.78 -7.79
N TYR A 112 2.55 1.09 -8.53
CA TYR A 112 2.65 1.73 -9.81
C TYR A 112 1.96 3.07 -9.80
N LEU A 113 2.58 4.05 -10.42
CA LEU A 113 2.07 5.41 -10.40
C LEU A 113 2.21 6.12 -11.74
N ARG A 114 1.17 6.73 -12.29
CA ARG A 114 1.28 7.47 -13.54
C ARG A 114 0.76 8.88 -13.38
N PHE A 115 1.63 9.85 -13.58
CA PHE A 115 1.29 11.25 -13.39
C PHE A 115 2.10 12.25 -14.18
N ASP A 116 1.55 13.45 -14.30
CA ASP A 116 2.30 14.57 -14.82
C ASP A 116 2.89 15.30 -13.63
N MET A 117 3.92 16.12 -13.77
CA MET A 117 4.48 16.77 -12.60
C MET A 117 4.80 18.24 -12.71
N GLU A 118 4.43 18.99 -11.70
CA GLU A 118 4.75 20.39 -11.62
C GLU A 118 6.02 20.61 -10.81
N ILE A 119 7.09 21.07 -11.43
CA ILE A 119 8.33 21.32 -10.72
C ILE A 119 8.51 22.78 -10.44
N THR A 120 8.57 23.14 -9.17
CA THR A 120 8.85 24.52 -8.76
C THR A 120 10.21 24.54 -8.13
N VAL A 121 11.07 25.53 -8.33
CA VAL A 121 12.38 25.54 -7.69
C VAL A 121 12.79 26.86 -7.06
N VAL A 122 12.95 26.78 -5.74
CA VAL A 122 13.32 27.96 -4.93
C VAL A 122 14.82 28.07 -4.78
N ILE A 123 15.40 28.99 -5.54
CA ILE A 123 16.85 29.21 -5.47
C ILE A 123 17.16 30.40 -4.58
N THR A 124 17.92 30.10 -3.56
CA THR A 124 18.26 31.09 -2.55
C THR A 124 19.73 31.47 -2.45
N SER A 125 20.10 32.76 -2.31
CA SER A 125 21.50 33.12 -2.17
C SER A 125 21.95 33.79 -0.88
N SER A 126 23.22 33.62 -0.56
CA SER A 126 23.86 34.23 0.61
C SER A 126 25.31 34.67 0.40
N GLN A 127 25.68 35.79 1.01
CA GLN A 127 27.04 36.31 0.91
C GLN A 127 28.09 35.51 1.68
N ASP A 128 29.17 35.05 1.04
CA ASP A 128 30.24 34.40 1.79
C ASP A 128 31.02 35.41 2.60
N GLN A 129 31.46 35.04 3.79
CA GLN A 129 32.30 35.97 4.54
C GLN A 129 33.68 36.13 3.92
N SER A 130 34.04 37.40 3.78
CA SER A 130 35.29 37.79 3.14
C SER A 130 35.61 39.23 3.38
N THR A 131 36.87 39.62 3.29
CA THR A 131 37.29 41.03 3.36
C THR A 131 36.52 41.89 2.36
N SER A 132 36.22 41.25 1.24
CA SER A 132 35.43 41.87 0.20
C SER A 132 33.92 41.72 0.34
N GLN A 133 33.32 41.11 1.38
CA GLN A 133 31.85 40.99 1.52
C GLN A 133 31.03 42.32 1.48
N ASN A 134 31.77 43.42 1.49
CA ASN A 134 31.31 44.77 1.31
C ASN A 134 30.72 45.30 -0.01
N GLN A 135 31.07 44.46 -0.97
CA GLN A 135 30.87 44.52 -2.39
C GLN A 135 29.51 44.71 -3.04
N ASN A 136 29.45 45.64 -3.97
CA ASN A 136 28.26 45.89 -4.75
C ASN A 136 27.99 44.70 -5.67
N ALA A 137 27.37 43.61 -5.26
CA ALA A 137 27.09 42.51 -6.16
C ALA A 137 25.78 42.73 -6.89
N PRO A 138 25.76 42.75 -8.23
CA PRO A 138 24.56 42.90 -9.01
C PRO A 138 23.63 41.69 -8.95
N VAL A 139 22.38 41.85 -9.39
CA VAL A 139 21.39 40.77 -9.39
C VAL A 139 21.87 39.50 -10.07
N LEU A 140 21.83 38.39 -9.35
CA LEU A 140 22.28 37.13 -9.93
C LEU A 140 21.27 36.32 -10.71
N THR A 141 21.56 36.03 -11.97
CA THR A 141 20.76 35.14 -12.80
C THR A 141 21.26 33.69 -12.63
N HIS A 142 20.39 32.73 -12.71
CA HIS A 142 20.75 31.33 -12.53
C HIS A 142 20.36 30.43 -13.69
N GLN A 143 21.10 29.37 -13.95
CA GLN A 143 20.70 28.43 -14.97
C GLN A 143 20.51 27.03 -14.42
N ILE A 144 19.34 26.51 -14.70
CA ILE A 144 18.99 25.13 -14.39
C ILE A 144 18.89 24.40 -15.71
N MET A 145 19.66 23.36 -15.95
CA MET A 145 19.58 22.63 -17.20
C MET A 145 19.26 21.17 -17.02
N TYR A 146 18.27 20.66 -17.73
CA TYR A 146 17.98 19.25 -17.69
C TYR A 146 18.78 18.53 -18.76
N VAL A 147 19.58 17.55 -18.35
CA VAL A 147 20.29 16.71 -19.29
C VAL A 147 19.67 15.31 -19.27
N PRO A 148 18.86 14.97 -20.28
CA PRO A 148 18.26 13.66 -20.43
C PRO A 148 19.23 12.50 -20.62
N PRO A 149 18.93 11.26 -20.21
CA PRO A 149 19.88 10.16 -20.26
C PRO A 149 20.51 9.86 -21.61
N GLY A 150 21.71 10.40 -21.79
CA GLY A 150 22.46 10.25 -23.02
C GLY A 150 23.24 11.50 -23.44
N GLY A 151 22.77 12.67 -23.03
CA GLY A 151 23.43 13.92 -23.41
C GLY A 151 24.73 14.28 -22.71
N PRO A 152 25.45 15.32 -23.15
CA PRO A 152 26.68 15.78 -22.54
C PRO A 152 26.60 16.37 -21.14
N ILE A 153 27.33 15.80 -20.19
CA ILE A 153 27.47 16.40 -18.86
C ILE A 153 28.37 17.65 -18.91
N PRO A 154 28.01 18.78 -18.31
CA PRO A 154 28.95 19.85 -18.07
C PRO A 154 30.06 19.54 -17.08
N VAL A 155 31.27 19.53 -17.61
CA VAL A 155 32.46 19.32 -16.82
C VAL A 155 32.94 20.54 -16.02
N SER A 156 32.58 21.74 -16.45
CA SER A 156 32.96 22.97 -15.76
C SER A 156 31.79 23.92 -15.61
N VAL A 157 31.91 25.00 -14.83
CA VAL A 157 30.86 26.05 -14.79
C VAL A 157 30.75 26.81 -16.12
N ASP A 158 31.60 26.49 -17.07
CA ASP A 158 31.73 27.28 -18.26
C ASP A 158 31.93 26.48 -19.54
N ASP A 159 31.20 25.41 -19.82
CA ASP A 159 31.46 24.71 -21.09
C ASP A 159 30.30 24.56 -22.05
N TYR A 160 30.62 24.21 -23.31
CA TYR A 160 29.63 24.14 -24.40
C TYR A 160 28.26 23.58 -24.05
N SER A 161 28.22 22.57 -23.16
CA SER A 161 27.00 21.95 -22.65
C SER A 161 25.94 22.95 -22.21
N TRP A 162 26.33 24.04 -21.54
CA TRP A 162 25.41 25.06 -21.08
C TRP A 162 24.71 25.87 -22.18
N GLN A 163 25.08 25.69 -23.46
CA GLN A 163 24.44 26.32 -24.62
C GLN A 163 22.97 25.98 -24.77
N THR A 164 22.72 24.74 -24.38
CA THR A 164 21.44 24.06 -24.49
C THR A 164 20.69 24.15 -25.81
N SER A 165 21.38 23.76 -26.86
CA SER A 165 20.76 23.72 -28.17
C SER A 165 19.62 22.77 -28.36
N THR A 166 19.44 21.88 -27.40
CA THR A 166 18.35 20.91 -27.45
C THR A 166 17.89 20.55 -26.05
N ASN A 167 18.72 20.56 -25.01
CA ASN A 167 18.28 20.32 -23.63
C ASN A 167 17.33 21.42 -23.10
N PRO A 168 16.29 21.15 -22.31
CA PRO A 168 15.53 22.17 -21.65
C PRO A 168 16.27 22.91 -20.55
N SER A 169 16.22 24.23 -20.52
CA SER A 169 16.83 25.03 -19.46
C SER A 169 15.95 26.13 -18.92
N ILE A 170 16.15 26.55 -17.70
CA ILE A 170 15.47 27.72 -17.18
C ILE A 170 16.50 28.69 -16.69
N PHE A 171 16.36 29.90 -17.18
CA PHE A 171 17.14 31.02 -16.71
C PHE A 171 16.28 31.83 -15.79
N TRP A 172 16.74 32.02 -14.56
CA TRP A 172 15.99 32.76 -13.56
C TRP A 172 16.76 33.83 -12.79
N THR A 173 16.31 35.07 -12.79
CA THR A 173 16.95 36.17 -12.02
C THR A 173 16.48 36.23 -10.56
N GLU A 174 17.29 36.56 -9.59
CA GLU A 174 16.79 36.66 -8.22
C GLU A 174 15.80 37.76 -7.93
N GLY A 175 15.00 37.59 -6.87
CA GLY A 175 13.96 38.58 -6.53
C GLY A 175 12.59 38.29 -7.14
N ASN A 176 12.59 37.62 -8.29
CA ASN A 176 11.38 37.19 -8.95
C ASN A 176 10.67 35.98 -8.35
N ALA A 177 9.49 35.66 -8.86
CA ALA A 177 8.74 34.49 -8.40
C ALA A 177 9.46 33.19 -8.72
N PRO A 178 9.40 32.16 -7.88
CA PRO A 178 10.09 30.90 -8.15
C PRO A 178 9.77 30.24 -9.46
N ALA A 179 10.84 29.80 -10.10
CA ALA A 179 10.74 29.12 -11.38
C ALA A 179 9.86 27.89 -11.38
N ARG A 180 9.01 27.74 -12.39
CA ARG A 180 8.10 26.61 -12.47
C ARG A 180 7.84 26.00 -13.84
N MET A 181 7.90 24.69 -13.90
CA MET A 181 7.66 23.90 -15.10
C MET A 181 6.63 22.80 -14.93
N SER A 182 6.04 22.37 -16.02
CA SER A 182 5.26 21.15 -16.01
C SER A 182 5.98 20.07 -16.80
N ILE A 183 5.89 18.83 -16.36
CA ILE A 183 6.53 17.70 -17.00
C ILE A 183 5.48 16.67 -17.39
N PRO A 184 5.50 16.11 -18.60
CA PRO A 184 4.65 15.00 -18.97
C PRO A 184 4.94 13.69 -18.25
N PHE A 185 4.25 12.61 -18.60
CA PHE A 185 4.61 11.29 -18.08
C PHE A 185 5.82 10.76 -18.88
N ILE A 186 7.00 11.14 -18.41
CA ILE A 186 8.27 10.86 -19.04
C ILE A 186 8.76 9.41 -19.21
N SER A 187 8.15 8.42 -18.57
CA SER A 187 8.61 7.01 -18.64
C SER A 187 8.49 6.24 -19.93
N ILE A 188 9.32 5.22 -20.11
CA ILE A 188 9.27 4.31 -21.27
C ILE A 188 8.26 3.16 -21.09
N GLY A 189 7.88 2.96 -19.84
CA GLY A 189 6.90 1.96 -19.50
C GLY A 189 5.56 2.61 -19.19
N ASN A 190 4.47 1.86 -19.29
CA ASN A 190 3.12 2.37 -19.14
C ASN A 190 2.69 3.01 -17.81
N ALA A 191 3.58 3.00 -16.84
CA ALA A 191 3.40 3.57 -15.51
C ALA A 191 4.72 3.65 -14.77
N TYR A 192 4.97 4.63 -13.91
CA TYR A 192 6.20 4.65 -13.12
C TYR A 192 6.17 3.53 -12.11
N SER A 193 7.29 2.88 -11.82
CA SER A 193 7.27 1.81 -10.82
C SER A 193 8.03 2.15 -9.55
N ASN A 194 7.35 2.34 -8.43
CA ASN A 194 8.07 2.61 -7.20
C ASN A 194 8.84 1.39 -6.67
N PHE A 195 8.45 0.19 -7.10
CA PHE A 195 9.14 -1.03 -6.73
C PHE A 195 9.42 -1.97 -7.87
N TYR A 196 10.61 -2.57 -7.86
CA TYR A 196 10.95 -3.57 -8.84
C TYR A 196 11.61 -4.78 -8.19
N ASP A 197 10.88 -5.84 -7.84
CA ASP A 197 11.51 -7.06 -7.32
C ASP A 197 12.15 -7.85 -8.46
N GLY A 198 13.26 -7.33 -8.92
CA GLY A 198 13.95 -7.92 -10.06
C GLY A 198 15.37 -7.42 -10.24
N TRP A 199 15.93 -7.86 -11.36
CA TRP A 199 17.33 -7.61 -11.63
C TRP A 199 17.64 -6.79 -12.87
N SER A 200 18.78 -6.10 -12.89
CA SER A 200 19.21 -5.41 -14.11
C SER A 200 19.74 -6.36 -15.17
N HIS A 201 20.12 -7.57 -14.78
CA HIS A 201 20.62 -8.57 -15.73
C HIS A 201 19.86 -9.88 -15.78
N PHE A 202 19.63 -10.34 -17.02
CA PHE A 202 18.92 -11.58 -17.31
C PHE A 202 19.37 -12.81 -16.52
N SER A 203 20.65 -12.83 -16.27
CA SER A 203 21.27 -13.80 -15.37
C SER A 203 21.01 -13.59 -13.88
N GLN A 204 19.86 -13.06 -13.45
CA GLN A 204 19.50 -12.86 -12.05
C GLN A 204 20.48 -12.02 -11.20
N ALA A 205 21.14 -11.08 -11.88
CA ALA A 205 22.20 -10.28 -11.25
C ALA A 205 22.42 -8.81 -11.66
N GLY A 206 23.50 -8.18 -11.19
CA GLY A 206 23.75 -6.77 -11.48
C GLY A 206 23.07 -5.89 -10.43
N VAL A 207 22.16 -5.01 -10.79
CA VAL A 207 21.51 -4.18 -9.77
C VAL A 207 20.18 -4.79 -9.36
N TYR A 208 19.97 -4.94 -8.05
CA TYR A 208 18.64 -5.38 -7.58
C TYR A 208 17.73 -4.21 -7.27
N GLY A 209 16.46 -4.31 -7.65
CA GLY A 209 15.51 -3.30 -7.21
C GLY A 209 15.16 -2.12 -8.10
N PHE A 210 14.33 -1.23 -7.54
CA PHE A 210 13.75 -0.11 -8.27
C PHE A 210 14.64 0.80 -9.10
N THR A 211 15.87 0.93 -8.65
CA THR A 211 16.95 1.72 -9.26
C THR A 211 17.04 1.47 -10.77
N THR A 212 17.01 0.19 -11.12
CA THR A 212 17.04 -0.32 -12.48
C THR A 212 16.04 0.31 -13.45
N LEU A 213 14.87 0.64 -12.95
CA LEU A 213 13.82 1.20 -13.78
C LEU A 213 13.79 2.72 -13.84
N ASN A 214 14.06 3.33 -12.70
CA ASN A 214 13.91 4.77 -12.58
C ASN A 214 15.03 5.72 -13.02
N ASN A 215 15.47 5.52 -14.26
CA ASN A 215 16.47 6.37 -14.93
C ASN A 215 15.86 7.67 -15.50
N MET A 216 15.86 8.69 -14.67
CA MET A 216 15.27 9.98 -15.06
C MET A 216 16.17 11.08 -15.60
N GLY A 217 17.47 10.87 -15.71
CA GLY A 217 18.37 11.95 -16.11
C GLY A 217 18.75 12.90 -14.97
N GLN A 218 19.30 14.06 -15.28
CA GLN A 218 19.74 14.98 -14.23
C GLN A 218 19.68 16.48 -14.45
N LEU A 219 19.61 17.20 -13.34
CA LEU A 219 19.58 18.65 -13.35
C LEU A 219 20.91 19.31 -13.00
N PHE A 220 21.47 20.08 -13.93
CA PHE A 220 22.68 20.83 -13.70
C PHE A 220 22.44 22.30 -13.35
N PHE A 221 23.07 22.76 -12.29
CA PHE A 221 22.90 24.11 -11.81
C PHE A 221 24.12 25.01 -11.82
N ARG A 222 23.98 26.24 -12.28
CA ARG A 222 25.07 27.21 -12.20
C ARG A 222 24.66 28.67 -12.07
N HIS A 223 25.60 29.56 -11.78
CA HIS A 223 25.28 30.99 -11.80
C HIS A 223 25.55 31.49 -13.22
N VAL A 224 24.79 32.40 -13.83
CA VAL A 224 25.22 32.88 -15.13
C VAL A 224 26.18 34.06 -14.95
N ASN A 225 26.02 34.85 -13.89
CA ASN A 225 26.96 35.93 -13.55
C ASN A 225 28.45 35.60 -13.41
N LYS A 226 29.30 36.48 -13.94
CA LYS A 226 30.75 36.39 -13.63
C LYS A 226 30.97 36.64 -12.13
N PRO A 227 32.01 36.12 -11.47
CA PRO A 227 32.16 36.30 -10.05
C PRO A 227 32.46 37.71 -9.56
N ASN A 228 31.76 38.09 -8.49
CA ASN A 228 32.04 39.34 -7.81
C ASN A 228 33.32 39.19 -6.95
N PRO A 229 34.11 40.19 -6.57
CA PRO A 229 35.25 40.00 -5.65
C PRO A 229 35.09 39.07 -4.45
N ALA A 230 34.03 39.17 -3.67
CA ALA A 230 33.74 38.16 -2.65
C ALA A 230 32.73 37.11 -3.14
N ALA A 231 32.98 35.83 -2.85
CA ALA A 231 32.03 34.78 -3.23
C ALA A 231 30.62 34.83 -2.63
N ILE A 232 29.65 34.38 -3.42
CA ILE A 232 28.25 34.28 -2.98
C ILE A 232 27.80 32.86 -3.20
N THR A 233 27.20 32.25 -2.18
CA THR A 233 26.73 30.87 -2.31
C THR A 233 25.23 30.78 -2.59
N SER A 234 24.87 29.91 -3.52
CA SER A 234 23.45 29.70 -3.79
C SER A 234 23.02 28.26 -3.56
N VAL A 235 21.81 28.10 -3.05
CA VAL A 235 21.26 26.77 -2.84
C VAL A 235 19.83 26.63 -3.39
N ALA A 236 19.73 25.70 -4.31
CA ALA A 236 18.48 25.44 -5.01
C ALA A 236 17.63 24.30 -4.47
N ARG A 237 16.41 24.60 -4.06
CA ARG A 237 15.47 23.59 -3.59
C ARG A 237 14.48 23.21 -4.66
N ILE A 238 14.56 21.96 -5.06
CA ILE A 238 13.70 21.38 -6.07
C ILE A 238 12.43 20.82 -5.45
N TYR A 239 11.31 21.35 -5.88
CA TYR A 239 9.98 20.95 -5.42
C TYR A 239 9.18 20.17 -6.45
N PHE A 240 8.59 19.06 -6.04
CA PHE A 240 7.76 18.24 -6.91
C PHE A 240 6.29 18.16 -6.54
N LYS A 241 5.41 18.28 -7.51
CA LYS A 241 3.98 18.07 -7.30
C LYS A 241 3.40 17.09 -8.32
N PRO A 242 3.12 15.84 -7.97
CA PRO A 242 2.40 14.95 -8.84
C PRO A 242 0.98 15.39 -9.16
N LYS A 243 0.74 15.87 -10.36
CA LYS A 243 -0.59 16.23 -10.80
C LYS A 243 -1.13 15.28 -11.89
N HIS A 244 -2.42 15.28 -12.21
CA HIS A 244 -3.04 14.36 -13.15
C HIS A 244 -2.75 12.87 -12.90
N VAL A 245 -2.73 12.52 -11.62
CA VAL A 245 -2.37 11.21 -11.08
C VAL A 245 -3.30 10.03 -11.26
N ARG A 246 -2.72 8.88 -11.53
CA ARG A 246 -3.38 7.58 -11.49
C ARG A 246 -2.51 6.59 -10.70
N ALA A 247 -3.11 5.75 -9.85
CA ALA A 247 -2.36 4.84 -9.01
C ALA A 247 -2.81 3.40 -8.98
N TRP A 248 -1.88 2.48 -8.97
CA TRP A 248 -2.19 1.06 -8.96
C TRP A 248 -1.49 0.26 -7.88
N VAL A 249 -2.19 -0.77 -7.40
CA VAL A 249 -1.76 -1.70 -6.37
C VAL A 249 -1.36 -1.04 -5.06
N PRO A 250 -2.24 -0.86 -4.09
CA PRO A 250 -1.92 -0.21 -2.83
C PRO A 250 -1.02 -1.10 -2.01
N ARG A 251 -0.11 -0.50 -1.27
CA ARG A 251 0.82 -1.21 -0.42
C ARG A 251 0.69 -0.78 1.05
N PRO A 252 1.13 -1.55 2.05
CA PRO A 252 1.30 -1.03 3.40
C PRO A 252 2.30 0.13 3.44
N PRO A 253 2.04 1.24 4.13
CA PRO A 253 3.04 2.29 4.29
C PRO A 253 4.30 1.87 5.03
N ARG A 254 5.44 2.45 4.64
CA ARG A 254 6.73 2.15 5.25
C ARG A 254 6.78 2.24 6.77
N LEU A 255 7.02 1.12 7.45
CA LEU A 255 7.10 1.10 8.91
C LEU A 255 8.50 1.48 9.42
N CYS A 256 9.48 0.80 8.83
CA CYS A 256 10.89 1.02 9.16
C CYS A 256 11.45 2.30 8.58
N PRO A 257 12.39 3.00 9.21
CA PRO A 257 13.04 4.16 8.61
C PRO A 257 13.83 3.88 7.34
N TYR A 258 13.78 4.78 6.36
CA TYR A 258 14.61 4.62 5.17
C TYR A 258 16.10 4.74 5.43
N ILE A 259 16.90 3.91 4.76
CA ILE A 259 18.35 4.02 4.90
C ILE A 259 19.06 4.53 3.64
N ASN A 260 18.83 3.86 2.51
CA ASN A 260 19.50 4.26 1.27
C ASN A 260 18.62 4.87 0.20
N SER A 261 19.03 5.92 -0.51
CA SER A 261 18.21 6.42 -1.62
C SER A 261 18.27 5.49 -2.83
N THR A 262 19.34 4.70 -2.87
CA THR A 262 19.54 3.64 -3.87
C THR A 262 18.67 2.40 -3.75
N ASN A 263 18.44 1.86 -2.57
CA ASN A 263 17.73 0.58 -2.43
C ASN A 263 16.61 0.54 -1.39
N VAL A 264 15.81 -0.52 -1.33
CA VAL A 264 14.72 -0.55 -0.35
C VAL A 264 15.08 -1.01 1.09
N ASN A 265 16.38 -0.95 1.46
CA ASN A 265 16.82 -1.48 2.75
C ASN A 265 16.33 -0.79 4.02
N PHE A 266 16.18 -1.69 4.98
CA PHE A 266 15.67 -1.33 6.30
C PHE A 266 16.27 -2.19 7.41
N GLU A 267 16.24 -1.74 8.64
CA GLU A 267 16.57 -2.66 9.72
C GLU A 267 15.33 -2.86 10.59
N PRO A 268 15.04 -4.06 11.13
CA PRO A 268 13.70 -4.41 11.57
C PRO A 268 13.23 -3.58 12.77
N LYS A 269 12.02 -3.07 12.68
CA LYS A 269 11.46 -2.27 13.76
C LYS A 269 10.26 -2.96 14.40
N PRO A 270 9.76 -2.59 15.59
CA PRO A 270 8.51 -3.13 16.13
C PRO A 270 7.27 -2.77 15.32
N VAL A 271 6.32 -3.69 15.32
CA VAL A 271 5.04 -3.52 14.63
C VAL A 271 4.19 -2.29 14.99
N THR A 272 4.29 -1.90 16.25
CA THR A 272 3.53 -0.78 16.83
C THR A 272 4.22 -0.25 18.09
N GLU A 273 3.63 0.71 18.81
CA GLU A 273 4.21 1.17 20.07
C GLU A 273 3.77 0.26 21.21
N VAL A 274 4.57 0.03 22.24
CA VAL A 274 4.13 -0.83 23.38
C VAL A 274 3.17 -0.19 24.37
N ARG A 275 2.24 -0.92 24.97
CA ARG A 275 1.44 -0.32 26.05
C ARG A 275 1.42 -1.11 27.36
N THR A 276 1.27 -0.31 28.43
CA THR A 276 1.17 -0.70 29.85
C THR A 276 0.55 -2.05 30.19
N ASN A 277 -0.58 -2.32 29.52
CA ASN A 277 -1.33 -3.54 29.70
C ASN A 277 -2.29 -3.81 28.55
N ILE A 278 -2.67 -5.06 28.29
CA ILE A 278 -3.67 -5.36 27.27
C ILE A 278 -5.06 -4.75 27.56
N ILE A 279 -5.30 -4.44 28.84
CA ILE A 279 -6.45 -3.65 29.23
C ILE A 279 -5.96 -2.27 29.61
N THR A 280 -6.30 -1.35 28.72
CA THR A 280 -5.93 0.06 28.76
C THR A 280 -7.11 1.02 28.80
N THR A 281 -6.92 2.21 29.35
CA THR A 281 -7.95 3.23 29.29
C THR A 281 -7.43 4.30 28.33
N GLY B 1 -28.50 -29.47 -2.90
CA GLY B 1 -27.17 -29.79 -3.44
C GLY B 1 -26.06 -28.75 -3.18
N TYR B 2 -25.01 -28.78 -4.00
CA TYR B 2 -23.84 -27.87 -3.94
C TYR B 2 -23.39 -27.11 -2.66
N SER B 3 -22.85 -27.78 -1.64
CA SER B 3 -22.22 -27.06 -0.50
C SER B 3 -21.09 -26.12 -0.94
N ASP B 4 -21.09 -24.82 -0.62
CA ASP B 4 -20.03 -23.92 -1.09
C ASP B 4 -18.64 -24.15 -0.50
N ARG B 5 -18.54 -25.15 0.37
CA ARG B 5 -17.28 -25.61 0.95
C ARG B 5 -16.48 -26.53 0.02
N VAL B 6 -17.19 -27.15 -0.90
CA VAL B 6 -16.64 -28.07 -1.86
C VAL B 6 -16.27 -27.42 -3.18
N ARG B 7 -15.08 -27.69 -3.69
CA ARG B 7 -14.65 -27.10 -4.95
C ARG B 7 -13.76 -28.00 -5.78
N SER B 8 -13.91 -27.88 -7.08
CA SER B 8 -13.15 -28.66 -8.04
C SER B 8 -12.58 -27.76 -9.11
N ILE B 9 -11.27 -27.68 -9.24
CA ILE B 9 -10.63 -26.82 -10.24
C ILE B 9 -9.85 -27.64 -11.26
N THR B 10 -10.18 -27.49 -12.53
CA THR B 10 -9.53 -28.23 -13.61
C THR B 10 -8.90 -27.30 -14.63
N LEU B 11 -7.65 -27.60 -14.89
CA LEU B 11 -6.83 -26.79 -15.77
C LEU B 11 -5.79 -27.70 -16.44
N GLY B 12 -5.89 -27.83 -17.76
CA GLY B 12 -5.07 -28.76 -18.51
C GLY B 12 -5.37 -30.21 -18.15
N ASN B 13 -4.39 -31.07 -17.96
CA ASN B 13 -4.59 -32.44 -17.48
C ASN B 13 -4.52 -32.53 -15.95
N SER B 14 -5.10 -31.53 -15.30
CA SER B 14 -5.03 -31.36 -13.84
C SER B 14 -6.31 -31.03 -13.14
N THR B 15 -6.71 -31.78 -12.12
CA THR B 15 -7.85 -31.37 -11.30
C THR B 15 -7.47 -31.35 -9.83
N ILE B 16 -7.72 -30.25 -9.13
CA ILE B 16 -7.56 -30.27 -7.68
C ILE B 16 -8.94 -30.28 -7.01
N THR B 17 -9.11 -31.11 -6.01
CA THR B 17 -10.35 -31.10 -5.25
C THR B 17 -10.12 -30.54 -3.86
N THR B 18 -11.15 -29.96 -3.29
CA THR B 18 -11.12 -29.56 -1.89
C THR B 18 -12.52 -29.64 -1.34
N GLN B 19 -12.64 -30.11 -0.10
CA GLN B 19 -13.93 -30.25 0.52
C GLN B 19 -14.11 -29.31 1.72
N GLU B 20 -13.20 -28.34 1.81
CA GLU B 20 -13.21 -27.33 2.86
C GLU B 20 -12.49 -26.05 2.42
N CYS B 21 -13.06 -25.41 1.42
CA CYS B 21 -12.51 -24.14 0.95
C CYS B 21 -13.29 -22.96 1.48
N ALA B 22 -12.73 -21.76 1.38
CA ALA B 22 -13.43 -20.55 1.79
C ALA B 22 -13.47 -19.58 0.63
N ASN B 23 -14.27 -19.92 -0.38
CA ASN B 23 -14.39 -19.14 -1.63
C ASN B 23 -13.06 -19.06 -2.37
N VAL B 24 -12.91 -18.26 -3.41
CA VAL B 24 -11.64 -18.09 -4.08
C VAL B 24 -11.43 -16.64 -4.47
N VAL B 25 -10.29 -16.09 -4.13
CA VAL B 25 -9.96 -14.70 -4.40
C VAL B 25 -9.44 -14.41 -5.78
N VAL B 26 -10.15 -13.67 -6.60
CA VAL B 26 -9.67 -13.26 -7.90
C VAL B 26 -8.94 -11.93 -7.70
N GLY B 27 -7.63 -11.97 -7.82
CA GLY B 27 -6.76 -10.84 -7.61
C GLY B 27 -7.23 -9.52 -8.19
N TYR B 28 -7.52 -8.56 -7.30
CA TYR B 28 -7.94 -7.23 -7.71
C TYR B 28 -9.19 -7.17 -8.59
N GLY B 29 -10.01 -8.18 -8.44
CA GLY B 29 -11.25 -8.32 -9.20
C GLY B 29 -11.06 -8.82 -10.62
N GLU B 30 -9.84 -9.03 -11.09
CA GLU B 30 -9.64 -9.40 -12.48
C GLU B 30 -9.20 -10.80 -12.84
N TRP B 31 -10.02 -11.51 -13.61
CA TRP B 31 -9.65 -12.84 -14.09
C TRP B 31 -8.60 -12.76 -15.17
N PRO B 32 -7.56 -13.60 -15.22
CA PRO B 32 -6.56 -13.58 -16.26
C PRO B 32 -7.02 -13.76 -17.69
N GLU B 33 -6.43 -12.97 -18.58
CA GLU B 33 -6.68 -13.09 -20.00
C GLU B 33 -5.50 -12.67 -20.88
N TYR B 34 -5.52 -13.02 -22.16
CA TYR B 34 -4.43 -12.69 -23.05
C TYR B 34 -4.19 -11.24 -23.45
N LEU B 35 -2.94 -10.87 -23.70
CA LEU B 35 -2.58 -9.54 -24.18
C LEU B 35 -3.23 -9.13 -25.47
N SER B 36 -4.00 -8.06 -25.38
CA SER B 36 -4.73 -7.54 -26.53
C SER B 36 -4.00 -6.67 -27.53
N ASP B 37 -4.39 -6.74 -28.77
CA ASP B 37 -3.85 -5.90 -29.85
C ASP B 37 -3.66 -4.40 -29.61
N ASN B 38 -4.38 -3.85 -28.63
CA ASN B 38 -4.25 -2.43 -28.28
C ASN B 38 -3.09 -2.22 -27.34
N GLU B 39 -2.96 -3.12 -26.37
CA GLU B 39 -1.93 -3.05 -25.36
C GLU B 39 -0.58 -3.67 -25.71
N ALA B 40 -0.53 -4.39 -26.80
CA ALA B 40 0.69 -4.98 -27.28
C ALA B 40 1.79 -4.06 -27.77
N THR B 41 3.02 -4.55 -27.74
CA THR B 41 4.18 -3.80 -28.26
C THR B 41 5.12 -4.71 -29.03
N ALA B 42 5.46 -5.89 -28.53
CA ALA B 42 6.28 -6.80 -29.31
C ALA B 42 5.56 -7.29 -30.55
N GLU B 43 6.00 -6.85 -31.72
CA GLU B 43 5.37 -7.19 -32.97
C GLU B 43 5.33 -8.63 -33.48
N ASP B 44 6.10 -9.52 -32.91
CA ASP B 44 6.10 -10.91 -33.37
C ASP B 44 4.90 -11.74 -32.93
N GLN B 45 4.49 -12.78 -33.64
CA GLN B 45 3.39 -13.65 -33.18
C GLN B 45 3.68 -14.34 -31.86
N PRO B 46 2.85 -14.26 -30.84
CA PRO B 46 3.07 -15.00 -29.62
C PRO B 46 2.83 -16.49 -29.72
N THR B 47 3.62 -17.28 -29.01
CA THR B 47 3.28 -18.69 -28.90
C THR B 47 2.44 -18.87 -27.65
N GLN B 48 1.32 -19.54 -27.78
CA GLN B 48 0.44 -19.78 -26.65
C GLN B 48 0.26 -21.27 -26.44
N PRO B 49 1.07 -21.95 -25.64
CA PRO B 49 1.01 -23.41 -25.52
C PRO B 49 -0.21 -24.01 -24.85
N ASP B 50 -1.14 -23.18 -24.40
CA ASP B 50 -2.37 -23.55 -23.70
C ASP B 50 -2.22 -24.71 -22.70
N VAL B 51 -2.88 -25.85 -22.83
CA VAL B 51 -2.80 -26.94 -21.89
C VAL B 51 -1.41 -27.45 -21.48
N ALA B 52 -0.42 -27.33 -22.37
CA ALA B 52 0.93 -27.76 -22.07
C ALA B 52 1.69 -26.92 -21.03
N THR B 53 1.30 -25.67 -20.97
CA THR B 53 1.89 -24.71 -20.04
C THR B 53 0.95 -24.43 -18.89
N CYS B 54 -0.28 -24.13 -19.23
CA CYS B 54 -1.34 -23.80 -18.28
C CYS B 54 -2.01 -24.98 -17.57
N ARG B 55 -1.27 -25.54 -16.62
CA ARG B 55 -1.68 -26.72 -15.84
C ARG B 55 -1.19 -26.72 -14.39
N PHE B 56 -1.62 -27.62 -13.51
CA PHE B 56 -1.19 -27.58 -12.12
C PHE B 56 0.15 -28.18 -11.66
N TYR B 57 1.11 -27.28 -11.49
CA TYR B 57 2.42 -27.63 -10.98
C TYR B 57 2.59 -27.59 -9.45
N THR B 58 2.66 -28.75 -8.83
CA THR B 58 2.93 -28.88 -7.38
C THR B 58 4.40 -28.66 -7.03
N LEU B 59 4.71 -27.54 -6.40
CA LEU B 59 6.08 -27.22 -5.97
C LEU B 59 6.52 -27.96 -4.70
N ASP B 60 7.81 -28.01 -4.38
CA ASP B 60 8.24 -28.70 -3.14
C ASP B 60 7.58 -28.21 -1.84
N SER B 61 6.69 -29.04 -1.30
CA SER B 61 5.99 -28.70 -0.05
C SER B 61 6.78 -28.65 1.27
N VAL B 62 6.43 -27.64 2.06
CA VAL B 62 7.13 -27.40 3.29
C VAL B 62 6.42 -27.93 4.54
N GLN B 63 7.11 -28.22 5.64
CA GLN B 63 6.45 -28.63 6.88
C GLN B 63 6.07 -27.48 7.82
N TRP B 64 4.80 -27.41 8.26
CA TRP B 64 4.42 -26.40 9.25
C TRP B 64 4.71 -26.95 10.64
N GLU B 65 5.46 -26.18 11.41
CA GLU B 65 5.74 -26.53 12.80
C GLU B 65 5.30 -25.46 13.77
N ASN B 66 5.11 -25.77 15.06
CA ASN B 66 4.66 -24.75 16.02
C ASN B 66 5.45 -23.43 15.98
N GLY B 67 6.78 -23.51 16.10
CA GLY B 67 7.57 -22.30 16.01
C GLY B 67 8.03 -21.89 14.60
N SER B 68 7.55 -22.48 13.50
CA SER B 68 8.11 -22.09 12.19
C SER B 68 7.64 -20.74 11.65
N PRO B 69 8.53 -19.75 11.46
CA PRO B 69 8.18 -18.36 11.20
C PRO B 69 7.43 -18.03 9.92
N GLY B 70 7.77 -18.68 8.80
CA GLY B 70 7.05 -18.43 7.54
C GLY B 70 7.82 -18.78 6.28
N TRP B 71 7.14 -18.66 5.13
CA TRP B 71 7.75 -19.03 3.85
C TRP B 71 7.42 -18.10 2.69
N TRP B 72 8.30 -17.99 1.69
CA TRP B 72 7.97 -17.30 0.46
C TRP B 72 8.47 -18.00 -0.79
N TRP B 73 7.75 -17.81 -1.87
CA TRP B 73 8.14 -18.32 -3.18
C TRP B 73 8.06 -17.20 -4.21
N LYS B 74 8.90 -17.18 -5.24
CA LYS B 74 8.80 -16.10 -6.22
C LYS B 74 8.36 -16.41 -7.64
N PHE B 75 7.32 -15.75 -8.15
CA PHE B 75 6.86 -16.06 -9.49
C PHE B 75 7.13 -15.03 -10.60
N PRO B 76 7.35 -15.42 -11.86
CA PRO B 76 7.34 -16.79 -12.36
C PRO B 76 8.51 -17.72 -12.02
N ASP B 77 9.61 -17.18 -11.50
CA ASP B 77 10.81 -17.95 -11.17
C ASP B 77 10.66 -19.30 -10.46
N ALA B 78 9.72 -19.51 -9.54
CA ALA B 78 9.49 -20.81 -8.91
C ALA B 78 9.16 -21.91 -9.92
N LEU B 79 8.50 -21.48 -10.99
CA LEU B 79 8.15 -22.36 -12.09
C LEU B 79 9.22 -22.51 -13.16
N ARG B 80 10.42 -21.93 -13.02
CA ARG B 80 11.50 -22.06 -14.01
C ARG B 80 11.93 -23.49 -14.36
N ASP B 81 11.58 -24.44 -13.50
CA ASP B 81 11.78 -25.86 -13.80
C ASP B 81 10.54 -26.71 -14.00
N MET B 82 9.36 -26.08 -13.95
CA MET B 82 8.14 -26.84 -14.07
C MET B 82 7.69 -27.06 -15.50
N GLY B 83 8.08 -28.24 -15.97
CA GLY B 83 7.73 -28.77 -17.29
C GLY B 83 7.90 -27.86 -18.49
N LEU B 84 6.89 -27.82 -19.36
CA LEU B 84 6.99 -26.97 -20.55
C LEU B 84 6.79 -25.49 -20.33
N PHE B 85 6.24 -25.10 -19.16
CA PHE B 85 6.18 -23.69 -18.78
C PHE B 85 7.63 -23.22 -18.65
N GLY B 86 8.42 -23.93 -17.83
CA GLY B 86 9.84 -23.66 -17.67
C GLY B 86 10.59 -23.56 -19.01
N GLN B 87 10.42 -24.54 -19.90
CA GLN B 87 11.04 -24.50 -21.23
C GLN B 87 10.68 -23.26 -22.05
N ASN B 88 9.39 -22.92 -22.09
CA ASN B 88 8.96 -21.72 -22.79
C ASN B 88 9.54 -20.43 -22.22
N MET B 89 9.63 -20.41 -20.91
CA MET B 89 10.25 -19.33 -20.17
C MET B 89 11.76 -19.26 -20.43
N TYR B 90 12.37 -20.42 -20.69
CA TYR B 90 13.79 -20.52 -21.00
C TYR B 90 14.16 -20.11 -22.42
N TYR B 91 13.33 -20.44 -23.42
CA TYR B 91 13.56 -20.06 -24.81
C TYR B 91 12.97 -18.74 -25.30
N HIS B 92 12.35 -17.95 -24.42
CA HIS B 92 11.78 -16.68 -24.83
C HIS B 92 12.22 -15.48 -24.01
N TYR B 93 12.64 -14.40 -24.68
CA TYR B 93 12.96 -13.14 -24.03
C TYR B 93 11.79 -12.59 -23.19
N LEU B 94 10.59 -12.63 -23.77
CA LEU B 94 9.41 -12.14 -23.08
C LEU B 94 8.33 -13.19 -22.84
N GLY B 95 7.72 -13.08 -21.68
CA GLY B 95 6.62 -13.95 -21.31
C GLY B 95 5.55 -13.22 -20.51
N ARG B 96 4.31 -13.68 -20.62
CA ARG B 96 3.21 -13.12 -19.86
C ARG B 96 2.22 -14.19 -19.41
N ALA B 97 1.76 -14.13 -18.18
CA ALA B 97 0.77 -15.07 -17.64
C ALA B 97 0.17 -14.69 -16.30
N GLY B 98 -1.06 -15.12 -16.09
CA GLY B 98 -1.71 -15.00 -14.79
C GLY B 98 -1.61 -16.34 -14.07
N TYR B 99 -2.05 -16.55 -12.82
CA TYR B 99 -1.91 -17.87 -12.19
C TYR B 99 -2.98 -18.28 -11.18
N THR B 100 -3.40 -19.54 -11.18
CA THR B 100 -4.25 -20.05 -10.10
C THR B 100 -3.37 -20.67 -9.02
N ILE B 101 -3.23 -19.96 -7.91
CA ILE B 101 -2.45 -20.42 -6.78
C ILE B 101 -3.28 -21.21 -5.76
N HIS B 102 -2.91 -22.46 -5.54
CA HIS B 102 -3.63 -23.28 -4.59
C HIS B 102 -2.81 -23.88 -3.45
N VAL B 103 -2.90 -23.23 -2.30
CA VAL B 103 -2.19 -23.72 -1.13
C VAL B 103 -3.02 -24.72 -0.33
N GLN B 104 -2.39 -25.84 -0.02
CA GLN B 104 -3.01 -26.96 0.67
C GLN B 104 -2.46 -27.20 2.07
N CYS B 105 -3.32 -27.41 3.06
CA CYS B 105 -2.88 -27.71 4.42
C CYS B 105 -4.00 -28.31 5.26
N ASN B 106 -3.95 -29.62 5.52
CA ASN B 106 -4.98 -30.27 6.34
C ASN B 106 -4.49 -30.76 7.70
N ALA B 107 -5.32 -30.69 8.75
CA ALA B 107 -4.88 -31.15 10.07
C ALA B 107 -5.88 -31.93 10.93
N SER B 108 -6.85 -31.36 11.65
CA SER B 108 -7.92 -32.11 12.34
C SER B 108 -8.72 -31.18 13.22
N LYS B 109 -9.94 -31.56 13.62
CA LYS B 109 -10.71 -30.73 14.57
C LYS B 109 -9.91 -30.38 15.85
N PHE B 110 -9.12 -31.35 16.31
CA PHE B 110 -8.24 -31.18 17.47
C PHE B 110 -6.93 -30.40 17.26
N HIS B 111 -6.58 -30.10 16.01
CA HIS B 111 -5.41 -29.24 15.81
C HIS B 111 -5.87 -27.77 15.72
N GLN B 112 -4.94 -26.84 15.93
CA GLN B 112 -5.22 -25.42 15.84
C GLN B 112 -4.06 -24.68 15.17
N GLY B 113 -4.33 -23.51 14.63
CA GLY B 113 -3.28 -22.73 13.95
C GLY B 113 -3.81 -21.98 12.74
N CYS B 114 -3.19 -20.84 12.42
CA CYS B 114 -3.67 -20.04 11.31
C CYS B 114 -2.60 -19.31 10.50
N ILE B 115 -2.57 -19.61 9.22
CA ILE B 115 -1.63 -19.00 8.29
C ILE B 115 -2.21 -18.02 7.29
N LEU B 116 -1.51 -16.90 7.11
CA LEU B 116 -1.83 -15.97 6.04
C LEU B 116 -1.23 -16.48 4.73
N VAL B 117 -2.06 -16.55 3.70
CA VAL B 117 -1.64 -16.92 2.36
C VAL B 117 -1.80 -15.70 1.44
N VAL B 118 -0.70 -15.05 1.03
CA VAL B 118 -0.82 -13.82 0.23
C VAL B 118 0.07 -13.65 -1.01
N CYS B 119 -0.53 -13.13 -2.08
CA CYS B 119 0.23 -12.83 -3.29
C CYS B 119 0.57 -11.36 -3.37
N VAL B 120 1.82 -11.04 -3.03
CA VAL B 120 2.31 -9.67 -3.03
C VAL B 120 2.95 -9.26 -4.36
N PRO B 121 2.37 -8.40 -5.21
CA PRO B 121 3.04 -7.88 -6.41
C PRO B 121 4.25 -7.01 -6.11
N GLU B 122 5.31 -7.12 -6.91
CA GLU B 122 6.57 -6.39 -6.72
C GLU B 122 7.14 -6.34 -5.29
N ALA B 123 7.08 -7.45 -4.54
CA ALA B 123 7.66 -7.52 -3.19
C ALA B 123 9.19 -7.46 -3.13
N GLU B 124 9.69 -6.26 -3.37
CA GLU B 124 11.11 -5.97 -3.42
C GLU B 124 11.68 -5.97 -2.01
N MET B 125 12.43 -7.01 -1.72
CA MET B 125 12.97 -7.22 -0.40
C MET B 125 14.29 -6.54 -0.03
N GLY B 126 14.38 -6.17 1.23
CA GLY B 126 15.59 -5.50 1.72
C GLY B 126 16.75 -6.40 2.14
N SER B 127 17.98 -5.92 1.93
CA SER B 127 19.18 -6.62 2.41
C SER B 127 19.25 -6.63 3.94
N ALA B 128 19.60 -7.76 4.57
CA ALA B 128 19.75 -7.79 6.02
C ALA B 128 20.84 -6.84 6.47
N GLN B 129 21.95 -6.89 5.74
CA GLN B 129 23.03 -5.95 6.00
C GLN B 129 22.72 -4.64 5.25
N THR B 130 21.96 -3.77 5.89
CA THR B 130 21.52 -2.45 5.35
C THR B 130 22.51 -1.64 4.51
N SER B 131 23.77 -1.74 4.94
CA SER B 131 24.92 -1.23 4.18
C SER B 131 25.09 -1.87 2.78
N GLY B 132 25.04 -3.20 2.74
CA GLY B 132 25.17 -3.94 1.49
C GLY B 132 23.90 -4.20 0.64
N VAL B 133 24.17 -4.95 -0.43
CA VAL B 133 23.14 -5.37 -1.38
C VAL B 133 22.83 -6.86 -1.21
N VAL B 134 21.58 -7.23 -1.49
CA VAL B 134 21.13 -8.62 -1.50
C VAL B 134 21.58 -9.39 -2.76
N ASN B 135 21.36 -10.70 -2.89
CA ASN B 135 21.64 -11.37 -4.17
C ASN B 135 20.70 -12.54 -4.49
N TYR B 136 20.49 -12.89 -5.78
CA TYR B 136 19.52 -13.93 -6.17
C TYR B 136 19.36 -15.20 -5.33
N GLU B 137 20.46 -15.91 -5.06
CA GLU B 137 20.36 -17.11 -4.23
C GLU B 137 19.77 -16.88 -2.82
N HIS B 138 19.81 -15.65 -2.31
CA HIS B 138 19.15 -15.35 -1.04
C HIS B 138 17.77 -14.70 -1.19
N ILE B 139 17.33 -14.60 -2.44
CA ILE B 139 16.05 -14.03 -2.84
C ILE B 139 15.08 -15.14 -3.28
N SER B 140 15.61 -16.18 -3.93
CA SER B 140 14.79 -17.27 -4.44
C SER B 140 15.46 -18.63 -4.61
N LYS B 141 14.90 -19.71 -4.06
CA LYS B 141 15.41 -21.04 -4.40
C LYS B 141 14.50 -21.75 -5.42
N GLY B 142 14.07 -20.99 -6.43
CA GLY B 142 13.13 -21.50 -7.43
C GLY B 142 11.87 -22.10 -6.79
N GLU B 143 11.68 -23.40 -6.99
CA GLU B 143 10.51 -24.08 -6.43
C GLU B 143 10.60 -24.44 -4.95
N ILE B 144 11.73 -24.14 -4.32
CA ILE B 144 11.88 -24.43 -2.90
C ILE B 144 11.69 -23.21 -2.02
N ALA B 145 10.80 -23.40 -1.04
CA ALA B 145 10.48 -22.34 -0.09
C ALA B 145 11.62 -21.58 0.57
N SER B 146 11.68 -20.29 0.36
CA SER B 146 12.64 -19.48 1.10
C SER B 146 12.00 -19.12 2.43
N ARG B 147 12.68 -19.39 3.55
CA ARG B 147 12.08 -19.13 4.85
C ARG B 147 12.25 -17.74 5.46
N PHE B 148 11.18 -17.31 6.11
CA PHE B 148 11.22 -16.09 6.92
C PHE B 148 11.95 -16.33 8.25
N THR B 149 12.67 -15.36 8.76
CA THR B 149 13.36 -15.54 10.02
C THR B 149 12.81 -14.81 11.24
N THR B 150 12.81 -15.54 12.35
CA THR B 150 12.51 -14.97 13.68
C THR B 150 13.72 -14.16 14.21
N THR B 151 14.88 -14.57 13.70
CA THR B 151 16.18 -13.98 13.99
C THR B 151 16.47 -12.74 13.16
N THR B 152 16.85 -11.64 13.79
CA THR B 152 17.18 -10.41 13.07
C THR B 152 18.61 -10.30 12.45
N THR B 153 19.04 -11.30 11.69
CA THR B 153 20.38 -11.33 11.05
C THR B 153 20.58 -12.51 10.10
N ALA B 154 21.50 -12.38 9.12
CA ALA B 154 21.75 -13.43 8.13
C ALA B 154 23.08 -13.38 7.38
N GLU B 155 23.46 -14.52 6.78
CA GLU B 155 24.70 -14.59 5.96
C GLU B 155 24.81 -13.63 4.76
N ASP B 156 26.06 -13.30 4.37
CA ASP B 156 26.35 -12.35 3.28
C ASP B 156 25.44 -12.27 2.03
N HIS B 157 24.79 -11.10 1.95
CA HIS B 157 23.73 -10.69 1.00
C HIS B 157 22.44 -11.50 1.08
N GLY B 158 22.13 -11.90 2.31
CA GLY B 158 20.84 -12.51 2.62
C GLY B 158 19.77 -11.44 2.86
N VAL B 159 18.53 -11.71 2.48
CA VAL B 159 17.45 -10.74 2.76
C VAL B 159 17.13 -10.61 4.26
N GLN B 160 16.72 -9.44 4.75
CA GLN B 160 16.28 -9.30 6.14
C GLN B 160 14.91 -9.97 6.34
N ALA B 161 14.86 -11.29 6.38
CA ALA B 161 13.58 -11.99 6.50
C ALA B 161 12.82 -11.97 7.86
N ALA B 162 13.12 -11.01 8.75
CA ALA B 162 12.42 -10.91 10.03
C ALA B 162 10.90 -10.68 9.86
N VAL B 163 10.19 -11.77 10.14
CA VAL B 163 8.76 -11.91 9.87
C VAL B 163 7.84 -10.72 10.13
N TRP B 164 7.86 -10.12 11.32
CA TRP B 164 7.00 -8.96 11.58
C TRP B 164 7.19 -7.74 10.66
N ASN B 165 8.27 -7.67 9.89
CA ASN B 165 8.41 -6.65 8.86
C ASN B 165 8.37 -7.16 7.40
N ALA B 166 7.85 -8.39 7.27
CA ALA B 166 7.69 -9.12 6.01
C ALA B 166 8.82 -9.12 4.96
N GLY B 167 10.07 -8.93 5.41
CA GLY B 167 11.21 -8.85 4.50
C GLY B 167 11.29 -7.56 3.67
N MET B 168 10.39 -6.61 3.93
CA MET B 168 10.33 -5.37 3.18
C MET B 168 9.95 -4.08 3.92
N GLY B 169 10.40 -3.91 5.15
CA GLY B 169 10.23 -2.64 5.91
C GLY B 169 8.85 -2.15 6.28
N VAL B 170 7.86 -3.03 6.24
CA VAL B 170 6.47 -2.68 6.55
C VAL B 170 5.84 -3.52 7.66
N GLY B 171 4.65 -3.18 8.14
CA GLY B 171 3.98 -4.03 9.13
C GLY B 171 3.37 -5.29 8.51
N VAL B 172 3.82 -6.51 8.84
CA VAL B 172 3.23 -7.74 8.31
C VAL B 172 1.69 -7.85 8.47
N GLY B 173 1.14 -7.26 9.52
CA GLY B 173 -0.31 -7.20 9.73
C GLY B 173 -1.08 -6.39 8.68
N ASN B 174 -0.37 -5.57 7.91
CA ASN B 174 -0.98 -4.84 6.81
C ASN B 174 -0.83 -5.54 5.47
N LEU B 175 -0.16 -6.69 5.36
CA LEU B 175 -0.03 -7.44 4.09
C LEU B 175 -1.33 -7.81 3.40
N THR B 176 -2.36 -7.85 4.23
CA THR B 176 -3.75 -8.06 3.85
C THR B 176 -4.29 -7.17 2.72
N ILE B 177 -3.70 -6.01 2.46
CA ILE B 177 -4.04 -5.16 1.31
C ILE B 177 -3.81 -5.86 -0.05
N PHE B 178 -2.88 -6.81 -0.10
CA PHE B 178 -2.64 -7.60 -1.30
C PHE B 178 -3.62 -8.77 -1.42
N PRO B 179 -3.90 -9.36 -2.60
CA PRO B 179 -4.77 -10.52 -2.72
C PRO B 179 -4.38 -11.67 -1.81
N HIS B 180 -5.28 -11.97 -0.88
CA HIS B 180 -4.98 -12.96 0.16
C HIS B 180 -6.13 -13.82 0.68
N GLN B 181 -5.78 -14.95 1.26
CA GLN B 181 -6.71 -15.76 2.05
C GLN B 181 -6.05 -16.24 3.34
N TRP B 182 -6.75 -16.95 4.20
CA TRP B 182 -6.13 -17.49 5.40
C TRP B 182 -6.46 -18.97 5.55
N ILE B 183 -5.53 -19.85 5.87
CA ILE B 183 -5.94 -21.20 6.20
C ILE B 183 -5.88 -21.28 7.73
N ASN B 184 -7.07 -21.16 8.27
CA ASN B 184 -7.26 -21.30 9.70
C ASN B 184 -7.74 -22.74 9.87
N LEU B 185 -6.91 -23.58 10.47
CA LEU B 185 -7.19 -25.01 10.59
C LEU B 185 -8.56 -25.45 11.13
N ARG B 186 -9.21 -24.56 11.89
CA ARG B 186 -10.58 -24.75 12.33
C ARG B 186 -11.57 -24.73 11.16
N THR B 187 -11.35 -23.75 10.30
CA THR B 187 -12.24 -23.41 9.19
C THR B 187 -12.04 -24.11 7.86
N ASN B 188 -10.81 -24.12 7.36
CA ASN B 188 -10.56 -24.66 6.01
C ASN B 188 -9.31 -25.51 5.82
N ASN B 189 -9.21 -26.28 4.74
CA ASN B 189 -7.97 -27.00 4.47
C ASN B 189 -7.18 -26.52 3.27
N SER B 190 -7.68 -25.45 2.66
CA SER B 190 -6.98 -24.89 1.51
C SER B 190 -7.30 -23.44 1.20
N ALA B 191 -6.39 -22.80 0.48
CA ALA B 191 -6.56 -21.45 -0.03
C ALA B 191 -6.38 -21.39 -1.54
N THR B 192 -7.14 -20.53 -2.21
CA THR B 192 -7.05 -20.37 -3.67
C THR B 192 -7.11 -18.92 -4.11
N ILE B 193 -6.04 -18.44 -4.68
CA ILE B 193 -5.93 -17.08 -5.19
C ILE B 193 -5.68 -17.09 -6.70
N VAL B 194 -6.55 -16.52 -7.51
CA VAL B 194 -6.38 -16.40 -8.94
C VAL B 194 -5.79 -15.03 -9.29
N MET B 195 -4.49 -14.98 -9.47
CA MET B 195 -3.74 -13.76 -9.68
C MET B 195 -3.63 -13.28 -11.14
N PRO B 196 -4.08 -12.10 -11.54
CA PRO B 196 -3.94 -11.58 -12.88
C PRO B 196 -2.52 -11.13 -13.14
N TYR B 197 -2.13 -10.90 -14.39
CA TYR B 197 -0.83 -10.32 -14.67
C TYR B 197 -0.80 -8.86 -14.18
N VAL B 198 -0.22 -8.62 -13.03
CA VAL B 198 -0.08 -7.27 -12.50
C VAL B 198 1.32 -6.73 -12.74
N ASN B 199 1.45 -5.80 -13.67
CA ASN B 199 2.75 -5.18 -13.96
C ASN B 199 2.62 -3.88 -14.74
N SER B 200 3.63 -3.01 -14.70
CA SER B 200 3.62 -1.73 -15.40
C SER B 200 3.92 -1.73 -16.90
N VAL B 201 4.02 -2.91 -17.47
CA VAL B 201 4.45 -3.10 -18.86
C VAL B 201 3.90 -4.41 -19.47
N PRO B 202 3.44 -4.50 -20.73
CA PRO B 202 2.60 -5.58 -21.22
C PRO B 202 3.12 -7.01 -21.08
N MET B 203 4.40 -7.17 -21.33
CA MET B 203 5.12 -8.42 -21.17
C MET B 203 6.42 -8.14 -20.45
N ASP B 204 7.08 -9.11 -19.87
CA ASP B 204 8.39 -8.87 -19.27
C ASP B 204 9.27 -10.11 -19.36
N ASN B 205 10.56 -10.01 -19.07
CA ASN B 205 11.38 -11.22 -19.01
C ASN B 205 11.07 -12.11 -17.80
N MET B 206 10.87 -13.38 -18.07
CA MET B 206 10.54 -14.37 -17.04
C MET B 206 11.56 -14.62 -15.94
N TYR B 207 12.85 -14.38 -16.20
CA TYR B 207 13.87 -14.54 -15.17
C TYR B 207 14.16 -13.27 -14.40
N ARG B 208 14.58 -12.20 -15.08
CA ARG B 208 14.89 -10.92 -14.43
C ARG B 208 13.89 -10.39 -13.41
N HIS B 209 12.62 -10.48 -13.78
CA HIS B 209 11.57 -9.93 -12.96
C HIS B 209 10.72 -10.92 -12.19
N HIS B 210 10.78 -10.81 -10.87
CA HIS B 210 9.90 -11.61 -10.02
C HIS B 210 8.64 -10.76 -9.86
N ASN B 211 7.62 -11.05 -10.67
CA ASN B 211 6.42 -10.21 -10.72
C ASN B 211 5.60 -10.14 -9.43
N PHE B 212 5.66 -11.22 -8.67
CA PHE B 212 5.04 -11.26 -7.35
C PHE B 212 5.59 -12.39 -6.50
N THR B 213 5.41 -12.22 -5.20
CA THR B 213 5.87 -13.20 -4.24
C THR B 213 4.74 -13.80 -3.43
N LEU B 214 4.72 -15.13 -3.35
CA LEU B 214 3.76 -15.82 -2.50
C LEU B 214 4.28 -15.95 -1.07
N MET B 215 3.70 -15.23 -0.13
CA MET B 215 4.09 -15.36 1.26
C MET B 215 3.09 -16.15 2.10
N ILE B 216 3.56 -17.18 2.79
CA ILE B 216 2.73 -17.93 3.72
C ILE B 216 3.28 -17.71 5.13
N ILE B 217 2.57 -16.88 5.89
CA ILE B 217 3.00 -16.51 7.24
C ILE B 217 2.06 -16.95 8.38
N PRO B 218 2.46 -17.84 9.28
CA PRO B 218 1.64 -18.22 10.44
C PRO B 218 1.36 -17.14 11.50
N PHE B 219 0.20 -16.50 11.46
CA PHE B 219 -0.15 -15.50 12.48
C PHE B 219 -0.54 -16.10 13.83
N VAL B 220 -1.21 -17.25 13.79
CA VAL B 220 -1.45 -18.02 15.00
C VAL B 220 -0.68 -19.33 14.87
N PRO B 221 0.24 -19.64 15.81
CA PRO B 221 1.16 -20.77 15.70
C PRO B 221 0.49 -22.13 15.63
N LEU B 222 1.09 -23.07 14.90
CA LEU B 222 0.52 -24.41 14.84
C LEU B 222 0.56 -25.12 16.21
N ASP B 223 -0.57 -25.63 16.65
CA ASP B 223 -0.60 -26.35 17.90
C ASP B 223 -1.61 -27.48 17.98
N PHE B 224 -1.26 -28.44 18.81
CA PHE B 224 -2.06 -29.62 19.07
C PHE B 224 -1.56 -30.23 20.36
N SER B 225 -2.20 -31.25 20.93
CA SER B 225 -1.66 -31.77 22.17
C SER B 225 -1.23 -33.24 22.19
N ALA B 226 -1.09 -33.76 23.42
CA ALA B 226 -0.75 -35.14 23.74
C ALA B 226 -0.97 -36.23 22.71
N GLY B 227 0.11 -36.51 21.98
CA GLY B 227 0.11 -37.57 20.98
C GLY B 227 -0.90 -37.45 19.82
N ALA B 228 -1.11 -36.25 19.28
CA ALA B 228 -2.04 -36.10 18.17
C ALA B 228 -1.43 -35.65 16.84
N SER B 229 -0.71 -36.53 16.12
CA SER B 229 -0.04 -36.22 14.83
C SER B 229 0.75 -34.92 14.69
N THR B 230 2.04 -35.14 14.78
CA THR B 230 3.03 -34.07 14.72
C THR B 230 3.22 -33.46 13.35
N TYR B 231 3.43 -34.31 12.36
CA TYR B 231 3.67 -33.83 11.00
C TYR B 231 2.44 -33.27 10.27
N VAL B 232 2.48 -31.97 10.00
CA VAL B 232 1.45 -31.34 9.19
C VAL B 232 2.04 -30.35 8.15
N PRO B 233 2.14 -30.80 6.89
CA PRO B 233 2.75 -30.05 5.81
C PRO B 233 1.83 -28.98 5.21
N ILE B 234 2.44 -28.10 4.43
CA ILE B 234 1.75 -27.10 3.64
C ILE B 234 2.25 -27.28 2.21
N THR B 235 1.34 -27.66 1.29
CA THR B 235 1.73 -27.85 -0.11
C THR B 235 1.22 -26.81 -1.08
N VAL B 236 2.11 -26.15 -1.81
CA VAL B 236 1.66 -25.18 -2.80
C VAL B 236 1.70 -25.69 -4.26
N THR B 237 0.51 -25.75 -4.82
CA THR B 237 0.35 -26.15 -6.21
C THR B 237 -0.12 -24.96 -7.02
N VAL B 238 0.53 -24.62 -8.11
CA VAL B 238 0.13 -23.48 -8.91
C VAL B 238 0.02 -23.75 -10.41
N ALA B 239 -1.02 -23.19 -11.01
CA ALA B 239 -1.25 -23.32 -12.44
C ALA B 239 -1.18 -22.01 -13.23
N PRO B 240 -0.28 -21.86 -14.21
CA PRO B 240 -0.27 -20.73 -15.11
C PRO B 240 -1.54 -20.60 -15.93
N MET B 241 -2.03 -19.39 -16.16
CA MET B 241 -3.23 -19.15 -16.91
C MET B 241 -3.01 -18.10 -17.99
N CYS B 242 -3.57 -18.27 -19.18
CA CYS B 242 -3.39 -17.35 -20.31
C CYS B 242 -1.96 -16.98 -20.66
N ALA B 243 -1.11 -17.98 -20.56
CA ALA B 243 0.30 -17.82 -20.85
C ALA B 243 0.68 -17.72 -22.31
N GLU B 244 1.42 -16.67 -22.61
CA GLU B 244 1.90 -16.39 -23.95
C GLU B 244 3.32 -15.84 -23.97
N TYR B 245 4.05 -16.20 -25.00
CA TYR B 245 5.45 -15.83 -25.07
C TYR B 245 5.94 -15.19 -26.37
N ASN B 246 6.71 -14.13 -26.25
CA ASN B 246 7.27 -13.46 -27.41
C ASN B 246 8.79 -13.44 -27.43
N GLY B 247 9.39 -13.24 -28.61
CA GLY B 247 10.83 -13.17 -28.75
C GLY B 247 11.54 -14.51 -28.51
N LEU B 248 11.66 -15.31 -29.55
CA LEU B 248 12.24 -16.65 -29.41
C LEU B 248 13.65 -16.70 -29.97
N ARG B 249 14.52 -17.33 -29.21
CA ARG B 249 15.88 -17.56 -29.68
C ARG B 249 16.50 -18.85 -29.13
N LEU B 250 17.70 -18.85 -28.57
CA LEU B 250 18.30 -20.04 -28.01
C LEU B 250 17.96 -20.24 -26.53
N ALA B 251 18.43 -21.33 -25.91
CA ALA B 251 18.28 -21.59 -24.49
C ALA B 251 18.79 -20.40 -23.65
N GLY B 252 17.99 -19.85 -22.75
CA GLY B 252 18.41 -18.57 -22.15
C GLY B 252 18.71 -18.35 -20.67
N HIS B 253 19.85 -17.75 -20.42
CA HIS B 253 20.27 -17.28 -19.08
C HIS B 253 21.26 -16.13 -19.17
N GLN B 254 22.29 -16.38 -20.00
CA GLN B 254 23.39 -15.55 -20.48
C GLN B 254 24.50 -16.41 -21.07
N GLY C 1 -0.08 48.78 -22.62
CA GLY C 1 -0.81 47.54 -22.88
C GLY C 1 -2.12 47.43 -22.08
N LEU C 2 -2.79 46.29 -21.87
CA LEU C 2 -4.01 46.20 -21.05
C LEU C 2 -3.78 46.48 -19.58
N PRO C 3 -4.30 47.58 -19.03
CA PRO C 3 -4.04 48.02 -17.67
C PRO C 3 -4.38 46.98 -16.59
N THR C 4 -3.36 46.21 -16.21
CA THR C 4 -3.42 45.17 -15.22
C THR C 4 -3.10 45.83 -13.85
N MET C 5 -3.58 45.36 -12.71
CA MET C 5 -3.13 45.86 -11.41
C MET C 5 -2.86 44.66 -10.50
N ASN C 6 -1.60 44.31 -10.26
CA ASN C 6 -1.23 43.20 -9.41
C ASN C 6 -1.76 43.23 -7.95
N THR C 7 -2.45 42.19 -7.47
CA THR C 7 -3.03 42.08 -6.12
C THR C 7 -2.13 41.47 -5.06
N PRO C 8 -2.30 41.55 -3.73
CA PRO C 8 -1.59 40.69 -2.81
C PRO C 8 -1.68 39.22 -3.15
N GLY C 9 -0.66 38.48 -2.81
CA GLY C 9 -0.54 37.10 -3.23
C GLY C 9 0.48 36.98 -4.37
N SER C 10 0.55 37.99 -5.22
CA SER C 10 1.47 38.01 -6.34
C SER C 10 2.93 37.63 -6.13
N ASN C 11 3.33 36.61 -6.87
CA ASN C 11 4.66 35.98 -6.91
C ASN C 11 5.00 35.03 -5.76
N GLN C 12 4.05 34.73 -4.88
CA GLN C 12 4.30 33.74 -3.84
C GLN C 12 4.23 32.31 -4.38
N PHE C 13 4.86 31.38 -3.69
CA PHE C 13 4.72 29.98 -4.01
C PHE C 13 3.95 29.27 -2.92
N LEU C 14 2.67 29.04 -3.12
CA LEU C 14 1.89 28.28 -2.16
C LEU C 14 1.94 26.79 -2.49
N THR C 15 2.54 25.95 -1.65
CA THR C 15 2.59 24.50 -1.81
C THR C 15 1.31 23.83 -2.34
N SER C 16 0.16 24.25 -1.85
CA SER C 16 -1.16 23.74 -2.26
C SER C 16 -1.79 24.43 -3.46
N ASP C 17 -1.07 25.30 -4.18
CA ASP C 17 -1.68 26.03 -5.28
C ASP C 17 -2.05 25.20 -6.48
N ASP C 18 -3.02 25.62 -7.27
CA ASP C 18 -3.44 24.82 -8.41
C ASP C 18 -3.42 25.59 -9.73
N PHE C 19 -2.25 26.03 -10.17
CA PHE C 19 -2.15 26.82 -11.40
C PHE C 19 -1.56 26.13 -12.62
N GLN C 20 -1.85 26.65 -13.80
CA GLN C 20 -1.23 26.17 -15.02
C GLN C 20 0.20 26.69 -15.19
N SER C 21 1.06 25.82 -15.68
CA SER C 21 2.46 26.12 -15.92
C SER C 21 3.02 25.68 -17.27
N PRO C 22 4.02 26.27 -17.93
CA PRO C 22 4.52 25.82 -19.23
C PRO C 22 5.16 24.44 -19.19
N SER C 23 5.02 23.50 -20.13
CA SER C 23 5.77 22.25 -20.01
C SER C 23 7.16 22.35 -20.59
N ALA C 24 8.17 21.80 -19.92
CA ALA C 24 9.55 21.87 -20.41
C ALA C 24 9.85 20.99 -21.61
N MET C 25 8.95 20.07 -21.89
CA MET C 25 9.02 19.19 -23.03
C MET C 25 7.72 19.30 -23.85
N PRO C 26 7.64 20.21 -24.83
CA PRO C 26 6.48 20.37 -25.68
C PRO C 26 6.21 19.22 -26.63
N GLN C 27 4.93 19.02 -26.93
CA GLN C 27 4.43 17.90 -27.73
C GLN C 27 5.03 16.51 -27.43
N PHE C 28 5.32 16.20 -26.18
CA PHE C 28 5.88 14.90 -25.83
C PHE C 28 4.88 13.77 -26.00
N ASP C 29 5.13 12.79 -26.86
CA ASP C 29 4.22 11.67 -26.98
C ASP C 29 4.39 10.67 -25.85
N VAL C 30 3.55 10.85 -24.83
CA VAL C 30 3.53 9.96 -23.68
C VAL C 30 3.31 8.48 -23.99
N THR C 31 3.97 7.60 -23.26
CA THR C 31 3.75 6.14 -23.44
C THR C 31 2.28 5.75 -23.34
N PRO C 32 1.67 5.07 -24.31
CA PRO C 32 0.26 4.78 -24.28
C PRO C 32 -0.20 4.04 -23.05
N GLU C 33 -1.32 4.50 -22.56
CA GLU C 33 -1.96 3.97 -21.38
C GLU C 33 -2.30 2.49 -21.45
N MET C 34 -2.01 1.66 -20.44
CA MET C 34 -2.45 0.26 -20.50
C MET C 34 -3.39 -0.08 -19.36
N HIS C 35 -3.91 -1.29 -19.13
CA HIS C 35 -4.86 -1.47 -18.06
C HIS C 35 -4.37 -1.48 -16.62
N ILE C 36 -3.39 -2.28 -16.25
CA ILE C 36 -2.99 -2.54 -14.85
C ILE C 36 -4.09 -2.78 -13.79
N PRO C 37 -4.30 -3.98 -13.27
CA PRO C 37 -5.24 -4.23 -12.21
C PRO C 37 -4.99 -3.53 -10.88
N GLY C 38 -6.03 -3.36 -10.08
CA GLY C 38 -5.88 -2.77 -8.76
C GLY C 38 -5.72 -1.25 -8.65
N GLU C 39 -6.51 -0.48 -9.38
CA GLU C 39 -6.40 0.95 -9.29
C GLU C 39 -7.02 1.58 -8.05
N VAL C 40 -6.17 2.28 -7.32
CA VAL C 40 -6.57 3.08 -6.17
C VAL C 40 -6.88 4.47 -6.66
N ARG C 41 -8.09 4.95 -6.41
CA ARG C 41 -8.38 6.33 -6.73
C ARG C 41 -8.73 7.21 -5.53
N ASN C 42 -8.72 6.62 -4.36
CA ASN C 42 -9.06 7.30 -3.11
C ASN C 42 -8.55 6.54 -1.88
N LEU C 43 -7.70 7.10 -1.05
CA LEU C 43 -7.14 6.44 0.13
C LEU C 43 -8.11 5.76 1.08
N MET C 44 -9.35 6.19 1.11
CA MET C 44 -10.37 5.50 1.90
C MET C 44 -10.62 4.08 1.45
N GLU C 45 -10.42 3.78 0.16
CA GLU C 45 -10.45 2.41 -0.35
C GLU C 45 -9.47 1.50 0.39
N ILE C 46 -8.35 2.04 0.83
CA ILE C 46 -7.37 1.32 1.62
C ILE C 46 -7.85 1.22 3.06
N ALA C 47 -8.28 2.31 3.68
CA ALA C 47 -8.84 2.28 5.03
C ALA C 47 -10.03 1.34 5.23
N GLU C 48 -10.76 1.08 4.15
CA GLU C 48 -11.86 0.14 4.13
C GLU C 48 -11.46 -1.33 4.04
N VAL C 49 -10.19 -1.62 3.85
CA VAL C 49 -9.67 -2.97 3.77
C VAL C 49 -9.23 -3.48 5.13
N ASP C 50 -9.64 -4.68 5.52
CA ASP C 50 -9.26 -5.23 6.81
C ASP C 50 -7.80 -5.47 7.15
N SER C 51 -7.25 -4.76 8.12
CA SER C 51 -5.92 -5.07 8.66
C SER C 51 -5.96 -5.87 9.95
N VAL C 52 -4.91 -6.56 10.38
CA VAL C 52 -4.98 -7.17 11.72
C VAL C 52 -4.27 -6.31 12.79
N MET C 53 -5.01 -6.05 13.87
CA MET C 53 -4.56 -5.26 15.01
C MET C 53 -3.56 -5.87 15.97
N PRO C 54 -2.50 -5.16 16.33
CA PRO C 54 -1.62 -5.52 17.42
C PRO C 54 -2.22 -5.36 18.82
N ILE C 55 -3.35 -6.02 19.16
CA ILE C 55 -3.92 -5.86 20.50
C ILE C 55 -3.04 -6.54 21.56
N ASN C 56 -2.26 -7.59 21.24
CA ASN C 56 -1.35 -8.20 22.22
C ASN C 56 -0.04 -7.39 22.33
N ASN C 57 -0.29 -6.20 22.83
CA ASN C 57 0.64 -5.09 22.84
C ASN C 57 1.52 -4.85 24.09
N ASP C 58 1.52 -5.82 25.02
CA ASP C 58 2.20 -5.71 26.32
C ASP C 58 3.66 -5.36 26.45
N SER C 59 4.52 -5.85 25.56
CA SER C 59 5.97 -5.63 25.72
C SER C 59 6.75 -5.54 24.43
N ALA C 60 7.86 -4.78 24.44
CA ALA C 60 8.70 -4.67 23.24
C ALA C 60 9.08 -6.02 22.60
N ALA C 61 9.29 -6.99 23.50
CA ALA C 61 9.53 -8.37 23.10
C ALA C 61 8.46 -8.95 22.18
N LYS C 62 7.20 -8.80 22.56
CA LYS C 62 6.13 -9.31 21.72
C LYS C 62 5.73 -8.39 20.56
N VAL C 63 6.03 -7.10 20.70
CA VAL C 63 5.74 -6.12 19.66
C VAL C 63 6.68 -6.23 18.47
N SER C 64 7.89 -6.75 18.69
CA SER C 64 8.79 -7.07 17.57
C SER C 64 8.76 -8.56 17.29
N SER C 65 7.54 -9.08 17.19
CA SER C 65 7.29 -10.51 16.96
C SER C 65 5.88 -10.74 16.44
N MET C 66 5.46 -11.96 16.10
CA MET C 66 4.07 -12.17 15.70
C MET C 66 3.04 -12.18 16.84
N GLU C 67 3.50 -12.38 18.09
CA GLU C 67 2.63 -12.38 19.27
C GLU C 67 1.67 -11.20 19.39
N ALA C 68 2.22 -10.04 19.03
CA ALA C 68 1.47 -8.78 18.93
C ALA C 68 0.05 -8.85 18.33
N TYR C 69 -0.09 -9.70 17.32
CA TYR C 69 -1.34 -9.88 16.62
C TYR C 69 -2.33 -10.90 17.20
N ARG C 70 -1.82 -11.83 18.00
CA ARG C 70 -2.70 -12.85 18.55
C ARG C 70 -3.10 -12.67 20.02
N VAL C 71 -4.38 -12.51 20.32
CA VAL C 71 -4.82 -12.40 21.71
C VAL C 71 -5.06 -13.77 22.33
N GLU C 72 -4.35 -14.06 23.43
CA GLU C 72 -4.48 -15.38 24.05
C GLU C 72 -5.72 -15.68 24.90
N LEU C 73 -6.43 -16.70 24.44
CA LEU C 73 -7.60 -17.19 25.15
C LEU C 73 -7.35 -18.50 25.88
N SER C 74 -8.11 -18.79 26.91
CA SER C 74 -7.94 -20.06 27.62
C SER C 74 -9.20 -20.73 28.13
N THR C 75 -9.11 -22.05 28.15
CA THR C 75 -10.19 -22.85 28.67
C THR C 75 -10.27 -22.77 30.19
N ASN C 76 -11.46 -23.03 30.77
CA ASN C 76 -11.71 -22.91 32.21
C ASN C 76 -11.51 -21.50 32.79
N THR C 77 -11.43 -20.49 31.91
CA THR C 77 -11.40 -19.09 32.35
C THR C 77 -12.77 -18.72 32.91
N ASN C 78 -12.82 -18.13 34.10
CA ASN C 78 -14.09 -17.76 34.74
C ASN C 78 -14.99 -16.80 33.93
N ALA C 79 -16.31 -16.89 34.04
CA ALA C 79 -17.23 -16.08 33.24
C ALA C 79 -17.02 -14.57 33.08
N GLY C 80 -17.27 -13.64 33.98
CA GLY C 80 -17.08 -12.21 33.68
C GLY C 80 -15.65 -11.70 33.36
N THR C 81 -14.67 -12.55 33.05
CA THR C 81 -13.28 -12.14 32.80
C THR C 81 -13.03 -11.27 31.57
N GLN C 82 -12.32 -10.17 31.78
CA GLN C 82 -11.96 -9.30 30.67
C GLN C 82 -10.80 -9.79 29.79
N VAL C 83 -11.03 -9.85 28.48
CA VAL C 83 -10.02 -10.23 27.49
C VAL C 83 -9.06 -9.07 27.18
N PHE C 84 -9.63 -7.90 26.93
CA PHE C 84 -8.86 -6.69 26.67
C PHE C 84 -9.71 -5.42 26.75
N GLY C 85 -9.05 -4.27 26.72
CA GLY C 85 -9.74 -3.00 26.74
C GLY C 85 -8.85 -1.88 26.25
N PHE C 86 -9.42 -0.86 25.61
CA PHE C 86 -8.66 0.33 25.19
C PHE C 86 -9.56 1.46 24.70
N GLN C 87 -9.18 2.73 24.80
CA GLN C 87 -10.05 3.70 24.18
C GLN C 87 -9.82 3.88 22.69
N LEU C 88 -10.97 3.97 22.05
CA LEU C 88 -11.06 4.12 20.61
C LEU C 88 -10.49 5.43 20.09
N ASN C 89 -9.18 5.47 19.85
CA ASN C 89 -8.60 6.62 19.14
C ASN C 89 -7.96 6.05 17.89
N PRO C 90 -8.66 5.83 16.77
CA PRO C 90 -8.10 5.21 15.56
C PRO C 90 -6.97 6.14 15.10
N GLY C 91 -5.85 5.68 14.58
CA GLY C 91 -4.79 6.64 14.20
C GLY C 91 -4.04 7.31 15.38
N ALA C 92 -4.45 7.05 16.62
CA ALA C 92 -3.69 7.53 17.77
C ALA C 92 -3.34 6.46 18.81
N GLU C 93 -4.25 5.55 19.13
CA GLU C 93 -4.03 4.47 20.09
C GLU C 93 -3.21 3.32 19.50
N SER C 94 -2.08 2.93 20.09
CA SER C 94 -1.20 1.83 19.57
C SER C 94 -1.83 0.57 19.00
N VAL C 95 -2.96 0.12 19.56
CA VAL C 95 -3.70 -1.02 19.04
C VAL C 95 -4.19 -0.89 17.58
N MET C 96 -4.79 0.23 17.22
CA MET C 96 -5.24 0.48 15.84
C MET C 96 -4.30 1.40 15.03
N ASN C 97 -3.57 2.25 15.74
CA ASN C 97 -2.71 3.31 15.21
C ASN C 97 -1.93 3.11 13.91
N ARG C 98 -1.20 2.01 13.78
CA ARG C 98 -0.38 1.80 12.58
C ARG C 98 -0.85 0.71 11.61
N THR C 99 -2.15 0.42 11.68
CA THR C 99 -2.85 -0.49 10.75
C THR C 99 -3.10 0.18 9.42
N LEU C 100 -3.69 -0.39 8.36
CA LEU C 100 -3.98 0.36 7.14
C LEU C 100 -4.85 1.58 7.38
N MET C 101 -5.97 1.39 8.08
CA MET C 101 -6.84 2.50 8.47
C MET C 101 -6.09 3.53 9.32
N GLY C 102 -5.33 3.08 10.31
CA GLY C 102 -4.56 3.97 11.17
C GLY C 102 -3.56 4.83 10.40
N GLU C 103 -2.79 4.19 9.53
CA GLU C 103 -1.80 4.85 8.68
C GLU C 103 -2.40 5.90 7.75
N ILE C 104 -3.52 5.60 7.09
CA ILE C 104 -4.24 6.57 6.26
C ILE C 104 -4.66 7.75 7.13
N LEU C 105 -5.25 7.47 8.29
CA LEU C 105 -5.66 8.52 9.23
C LEU C 105 -4.54 9.49 9.58
N ASN C 106 -3.34 8.96 9.76
CA ASN C 106 -2.19 9.78 10.10
C ASN C 106 -1.64 10.76 9.07
N TYR C 107 -2.23 10.84 7.89
CA TYR C 107 -1.89 11.90 6.95
C TYR C 107 -2.99 12.97 6.96
N TYR C 108 -3.88 12.91 7.94
CA TYR C 108 -5.02 13.82 8.11
C TYR C 108 -5.23 14.26 9.55
N ALA C 109 -5.83 15.41 9.80
CA ALA C 109 -6.07 15.86 11.19
C ALA C 109 -7.47 15.64 11.73
N HIS C 110 -8.44 15.39 10.85
CA HIS C 110 -9.82 15.15 11.27
C HIS C 110 -10.42 13.85 10.73
N TRP C 111 -11.07 13.02 11.51
CA TRP C 111 -11.77 11.87 10.96
C TRP C 111 -13.26 11.81 11.26
N SER C 112 -14.00 10.93 10.63
CA SER C 112 -15.43 10.75 10.89
C SER C 112 -15.89 9.40 10.41
N GLY C 113 -16.94 8.83 10.99
CA GLY C 113 -17.42 7.54 10.56
C GLY C 113 -17.34 6.36 11.53
N SER C 114 -18.01 5.30 11.09
CA SER C 114 -18.04 4.05 11.83
C SER C 114 -16.93 3.08 11.48
N ILE C 115 -16.44 2.40 12.49
CA ILE C 115 -15.36 1.44 12.41
C ILE C 115 -15.84 0.01 12.63
N LYS C 116 -15.29 -1.00 11.99
CA LYS C 116 -15.71 -2.35 12.29
C LYS C 116 -14.57 -3.32 12.62
N ILE C 117 -14.61 -3.78 13.87
CA ILE C 117 -13.64 -4.73 14.37
C ILE C 117 -14.14 -6.16 14.22
N THR C 118 -13.52 -6.87 13.27
CA THR C 118 -13.87 -8.25 12.99
C THR C 118 -13.07 -9.23 13.83
N PHE C 119 -13.71 -9.80 14.83
CA PHE C 119 -13.08 -10.79 15.72
C PHE C 119 -12.98 -12.20 15.16
N VAL C 120 -11.80 -12.74 14.85
CA VAL C 120 -11.70 -14.12 14.39
C VAL C 120 -11.10 -15.14 15.36
N PHE C 121 -11.85 -16.21 15.60
CA PHE C 121 -11.36 -17.27 16.46
C PHE C 121 -10.40 -18.27 15.78
N CYS C 122 -9.14 -18.24 16.18
CA CYS C 122 -8.17 -19.20 15.63
C CYS C 122 -7.78 -20.27 16.62
N GLY C 123 -8.80 -20.77 17.34
CA GLY C 123 -8.58 -21.87 18.28
C GLY C 123 -8.82 -23.21 17.61
N SER C 124 -8.84 -24.32 18.35
CA SER C 124 -9.17 -25.63 17.76
C SER C 124 -10.61 -25.69 17.23
N ALA C 125 -10.80 -26.35 16.10
CA ALA C 125 -12.15 -26.54 15.54
C ALA C 125 -13.14 -27.25 16.49
N MET C 126 -12.55 -28.07 17.34
CA MET C 126 -13.25 -28.84 18.35
C MET C 126 -13.58 -28.04 19.63
N THR C 127 -13.01 -26.83 19.74
CA THR C 127 -13.21 -25.89 20.86
C THR C 127 -14.44 -24.96 20.79
N THR C 128 -14.98 -24.48 21.91
CA THR C 128 -16.13 -23.58 21.89
C THR C 128 -16.10 -22.39 22.86
N GLY C 129 -16.97 -21.39 22.73
CA GLY C 129 -16.96 -20.22 23.58
C GLY C 129 -17.92 -19.09 23.18
N LYS C 130 -18.24 -18.25 24.15
CA LYS C 130 -19.04 -17.06 23.90
C LYS C 130 -18.41 -15.82 24.54
N PHE C 131 -18.31 -14.74 23.77
CA PHE C 131 -17.69 -13.49 24.22
C PHE C 131 -18.55 -12.25 24.11
N LEU C 132 -18.46 -11.32 25.06
CA LEU C 132 -19.15 -10.05 24.93
C LEU C 132 -18.18 -9.00 24.37
N LEU C 133 -18.52 -8.57 23.16
CA LEU C 133 -17.81 -7.53 22.43
C LEU C 133 -18.46 -6.16 22.68
N SER C 134 -17.81 -5.33 23.49
CA SER C 134 -18.36 -4.03 23.87
C SER C 134 -17.72 -2.73 23.39
N TYR C 135 -18.60 -1.77 23.19
CA TYR C 135 -18.26 -0.41 22.89
C TYR C 135 -19.05 0.56 23.78
N ALA C 136 -18.34 1.17 24.69
CA ALA C 136 -18.90 2.20 25.55
C ALA C 136 -18.60 3.58 25.01
N PRO C 137 -19.60 4.41 24.67
CA PRO C 137 -19.38 5.82 24.38
C PRO C 137 -18.80 6.62 25.56
N PRO C 138 -18.12 7.76 25.33
CA PRO C 138 -17.43 8.48 26.39
C PRO C 138 -18.30 9.11 27.48
N GLY C 139 -17.68 9.74 28.48
CA GLY C 139 -18.46 10.41 29.53
C GLY C 139 -18.56 9.67 30.86
N ALA C 140 -18.61 8.34 30.77
CA ALA C 140 -18.69 7.51 31.96
C ALA C 140 -17.40 6.88 32.47
N GLY C 141 -16.39 6.81 31.61
CA GLY C 141 -15.18 6.10 31.99
C GLY C 141 -15.15 4.67 31.43
N ALA C 142 -13.98 4.02 31.36
CA ALA C 142 -13.92 2.66 30.81
C ALA C 142 -14.72 1.60 31.58
N PRO C 143 -15.49 0.73 30.94
CA PRO C 143 -16.29 -0.28 31.62
C PRO C 143 -15.45 -1.22 32.47
N LYS C 144 -15.56 -1.09 33.79
CA LYS C 144 -14.80 -1.95 34.70
C LYS C 144 -15.24 -3.41 34.86
N THR C 145 -16.52 -3.68 34.59
CA THR C 145 -17.08 -5.02 34.76
C THR C 145 -17.83 -5.47 33.51
N ARG C 146 -18.01 -6.79 33.28
CA ARG C 146 -18.86 -7.25 32.16
C ARG C 146 -20.25 -6.59 32.21
N LYS C 147 -20.85 -6.40 33.40
CA LYS C 147 -22.11 -5.66 33.51
C LYS C 147 -22.00 -4.23 32.99
N ASP C 148 -20.95 -3.50 33.34
CA ASP C 148 -20.74 -2.15 32.81
C ASP C 148 -20.63 -2.13 31.28
N ALA C 149 -19.87 -3.09 30.77
CA ALA C 149 -19.71 -3.24 29.33
C ALA C 149 -21.01 -3.61 28.59
N MET C 150 -21.80 -4.46 29.24
CA MET C 150 -23.10 -4.92 28.78
C MET C 150 -24.07 -3.77 28.51
N LEU C 151 -24.09 -2.81 29.41
CA LEU C 151 -24.91 -1.60 29.28
C LEU C 151 -24.70 -0.74 28.02
N GLY C 152 -23.49 -0.80 27.47
CA GLY C 152 -23.16 -0.09 26.24
C GLY C 152 -23.44 -0.87 24.94
N THR C 153 -23.06 -0.32 23.80
CA THR C 153 -23.27 -0.98 22.51
C THR C 153 -22.48 -2.26 22.43
N HIS C 154 -23.16 -3.39 22.23
CA HIS C 154 -22.49 -4.68 22.26
C HIS C 154 -23.01 -5.84 21.43
N VAL C 155 -22.10 -6.74 21.10
CA VAL C 155 -22.44 -8.00 20.42
C VAL C 155 -22.03 -9.17 21.31
N VAL C 156 -22.88 -10.16 21.47
CA VAL C 156 -22.46 -11.39 22.14
C VAL C 156 -22.14 -12.39 21.04
N TRP C 157 -20.83 -12.61 20.86
CA TRP C 157 -20.33 -13.54 19.87
C TRP C 157 -20.31 -14.99 20.31
N ASP C 158 -21.10 -15.81 19.64
CA ASP C 158 -21.02 -17.22 19.86
C ASP C 158 -20.10 -17.83 18.81
N VAL C 159 -18.96 -18.36 19.23
CA VAL C 159 -18.07 -18.98 18.26
C VAL C 159 -18.62 -20.32 17.74
N GLY C 160 -18.41 -20.54 16.45
CA GLY C 160 -18.89 -21.74 15.77
C GLY C 160 -18.35 -21.80 14.34
N LEU C 161 -19.01 -22.48 13.38
CA LEU C 161 -18.51 -22.60 12.02
C LEU C 161 -18.16 -21.28 11.34
N GLN C 162 -18.99 -20.24 11.53
CA GLN C 162 -18.60 -18.94 11.04
C GLN C 162 -17.57 -18.44 12.05
N SER C 163 -16.33 -18.53 11.60
CA SER C 163 -15.13 -18.20 12.39
C SER C 163 -15.06 -16.88 13.12
N SER C 164 -15.58 -15.90 12.42
CA SER C 164 -15.48 -14.52 12.83
C SER C 164 -16.74 -13.71 12.96
N CYS C 165 -16.79 -12.92 14.01
CA CYS C 165 -17.92 -12.05 14.27
C CYS C 165 -17.51 -10.59 14.25
N VAL C 166 -18.25 -9.69 13.63
CA VAL C 166 -17.84 -8.32 13.62
C VAL C 166 -18.62 -7.36 14.51
N LEU C 167 -17.82 -6.70 15.35
CA LEU C 167 -18.29 -5.63 16.20
C LEU C 167 -18.26 -4.34 15.42
N CYS C 168 -19.45 -3.92 15.03
CA CYS C 168 -19.60 -2.67 14.30
C CYS C 168 -19.72 -1.49 15.25
N ILE C 169 -18.71 -0.63 15.30
CA ILE C 169 -18.69 0.55 16.15
C ILE C 169 -19.32 1.78 15.52
N PRO C 170 -20.47 2.28 16.00
CA PRO C 170 -21.25 3.33 15.39
C PRO C 170 -20.62 4.69 15.53
N TRP C 171 -20.69 5.61 14.57
CA TRP C 171 -20.25 6.98 14.88
C TRP C 171 -21.24 7.67 15.81
N ILE C 172 -20.91 7.71 17.10
CA ILE C 172 -21.70 8.44 18.07
C ILE C 172 -20.85 9.57 18.64
N SER C 173 -21.14 10.78 18.20
CA SER C 173 -20.36 11.94 18.56
C SER C 173 -21.18 13.21 18.60
N GLN C 174 -20.76 14.17 19.42
CA GLN C 174 -21.35 15.50 19.43
C GLN C 174 -21.18 16.17 18.07
N THR C 175 -19.94 16.09 17.57
CA THR C 175 -19.50 16.76 16.35
C THR C 175 -19.52 15.92 15.10
N HIS C 176 -19.55 16.56 13.95
CA HIS C 176 -19.52 15.80 12.71
C HIS C 176 -18.18 15.10 12.42
N TYR C 177 -17.13 15.56 13.06
CA TYR C 177 -15.77 15.12 12.90
C TYR C 177 -14.95 15.12 14.20
N ARG C 178 -14.09 14.13 14.42
CA ARG C 178 -13.16 14.14 15.54
C ARG C 178 -11.72 14.42 15.13
N PHE C 179 -10.80 14.77 16.01
CA PHE C 179 -9.39 14.90 15.63
C PHE C 179 -8.70 13.53 15.51
N VAL C 180 -7.74 13.34 14.59
CA VAL C 180 -6.99 12.08 14.53
C VAL C 180 -6.09 11.92 15.76
N GLU C 181 -5.53 13.07 16.14
CA GLU C 181 -4.76 13.26 17.35
C GLU C 181 -5.59 13.09 18.61
N LYS C 182 -5.10 12.52 19.71
CA LYS C 182 -5.91 12.41 20.92
C LYS C 182 -6.29 13.77 21.53
N ASP C 183 -7.57 14.09 21.65
CA ASP C 183 -8.01 15.37 22.20
C ASP C 183 -9.15 15.22 23.21
N PRO C 184 -9.13 15.75 24.45
CA PRO C 184 -10.18 15.54 25.44
C PRO C 184 -11.59 15.85 24.95
N TYR C 185 -11.73 16.93 24.18
CA TYR C 185 -13.02 17.26 23.57
C TYR C 185 -13.45 16.22 22.56
N THR C 186 -12.58 15.72 21.70
CA THR C 186 -13.01 14.72 20.72
C THR C 186 -12.78 13.28 21.12
N ASN C 187 -13.02 12.99 22.40
CA ASN C 187 -12.90 11.63 22.90
C ASN C 187 -13.92 10.65 22.30
N ALA C 188 -13.52 9.44 21.91
CA ALA C 188 -14.46 8.49 21.32
C ALA C 188 -14.92 7.26 22.12
N GLY C 189 -14.59 7.17 23.42
CA GLY C 189 -15.03 6.04 24.24
C GLY C 189 -14.17 4.77 24.22
N PHE C 190 -14.67 3.67 24.75
CA PHE C 190 -13.86 2.47 24.95
C PHE C 190 -14.36 1.17 24.38
N VAL C 191 -13.51 0.49 23.63
CA VAL C 191 -13.88 -0.82 23.15
C VAL C 191 -13.17 -1.90 23.98
N THR C 192 -14.01 -2.74 24.58
CA THR C 192 -13.59 -3.84 25.45
C THR C 192 -14.13 -5.22 25.11
N CYS C 193 -13.42 -6.26 25.51
CA CYS C 193 -13.85 -7.64 25.24
C CYS C 193 -13.88 -8.50 26.48
N TRP C 194 -14.91 -9.34 26.64
CA TRP C 194 -15.13 -10.11 27.85
C TRP C 194 -15.55 -11.56 27.62
N TYR C 195 -15.23 -12.54 28.48
CA TYR C 195 -15.79 -13.90 28.33
C TYR C 195 -17.28 -13.85 28.72
N GLN C 196 -18.22 -14.04 27.78
CA GLN C 196 -19.64 -14.01 28.14
C GLN C 196 -20.02 -15.31 28.88
N THR C 197 -19.41 -16.40 28.45
CA THR C 197 -19.50 -17.65 29.21
C THR C 197 -18.09 -18.12 29.51
N SER C 198 -17.43 -18.83 28.58
CA SER C 198 -16.07 -19.33 28.71
C SER C 198 -15.68 -20.16 27.50
N VAL C 199 -14.38 -20.39 27.35
CA VAL C 199 -13.87 -21.26 26.31
C VAL C 199 -13.85 -22.68 26.87
N VAL C 200 -14.58 -23.58 26.22
CA VAL C 200 -14.61 -24.98 26.64
C VAL C 200 -14.02 -25.91 25.57
N SER C 201 -13.32 -26.93 26.02
CA SER C 201 -12.72 -27.91 25.10
C SER C 201 -12.90 -29.38 25.51
N PRO C 202 -12.74 -30.32 24.58
CA PRO C 202 -12.64 -31.75 24.91
C PRO C 202 -11.32 -32.19 25.51
N ALA C 203 -11.22 -33.49 25.82
CA ALA C 203 -10.04 -34.11 26.42
C ALA C 203 -8.64 -33.88 25.81
N SER C 204 -8.18 -34.52 24.72
CA SER C 204 -6.86 -34.14 24.21
C SER C 204 -6.89 -32.98 23.23
N ASN C 205 -7.26 -31.84 23.80
CA ASN C 205 -7.30 -30.59 23.06
C ASN C 205 -6.37 -29.58 23.74
N GLN C 206 -5.82 -28.59 23.05
CA GLN C 206 -5.04 -27.60 23.79
C GLN C 206 -5.84 -26.66 24.69
N PRO C 207 -5.41 -26.38 25.90
CA PRO C 207 -6.13 -25.50 26.84
C PRO C 207 -6.12 -24.02 26.47
N LYS C 208 -4.95 -23.54 26.07
CA LYS C 208 -4.87 -22.18 25.58
C LYS C 208 -4.88 -22.16 24.05
N CYS C 209 -5.65 -21.22 23.56
CA CYS C 209 -5.81 -20.99 22.12
C CYS C 209 -5.83 -19.50 21.78
N TYR C 210 -6.04 -19.08 20.53
CA TYR C 210 -6.01 -17.63 20.24
C TYR C 210 -7.10 -17.02 19.37
N MET C 211 -7.50 -15.80 19.74
CA MET C 211 -8.34 -15.02 18.84
C MET C 211 -7.50 -13.89 18.24
N MET C 212 -8.00 -13.36 17.15
CA MET C 212 -7.29 -12.32 16.41
C MET C 212 -8.24 -11.21 15.94
N CYS C 213 -7.83 -9.95 15.86
CA CYS C 213 -8.80 -8.93 15.45
C CYS C 213 -8.51 -8.05 14.24
N MET C 214 -9.38 -8.11 13.26
CA MET C 214 -9.24 -7.28 12.06
C MET C 214 -9.96 -5.94 12.22
N VAL C 215 -9.45 -4.85 11.66
CA VAL C 215 -10.14 -3.57 11.73
C VAL C 215 -10.14 -2.82 10.40
N SER C 216 -11.31 -2.23 10.13
CA SER C 216 -11.47 -1.38 8.96
C SER C 216 -12.58 -0.35 9.05
N ALA C 217 -12.58 0.59 8.13
CA ALA C 217 -13.57 1.63 8.07
C ALA C 217 -14.84 1.35 7.28
N CYS C 218 -16.03 1.61 7.81
CA CYS C 218 -17.28 1.38 7.11
C CYS C 218 -17.61 2.44 6.05
N ASN C 219 -18.54 2.26 5.12
CA ASN C 219 -18.92 3.26 4.11
C ASN C 219 -19.31 4.69 4.50
N ASP C 220 -19.33 5.02 5.77
CA ASP C 220 -19.62 6.35 6.24
C ASP C 220 -18.39 7.09 6.75
N PHE C 221 -17.24 6.46 6.60
CA PHE C 221 -15.99 7.02 7.05
C PHE C 221 -15.40 8.06 6.12
N SER C 222 -14.71 9.05 6.66
CA SER C 222 -14.02 10.05 5.88
C SER C 222 -12.95 10.79 6.67
N VAL C 223 -12.04 11.46 5.97
CA VAL C 223 -10.94 12.20 6.61
C VAL C 223 -10.70 13.59 6.02
N ARG C 224 -10.27 14.52 6.87
CA ARG C 224 -10.05 15.91 6.51
C ARG C 224 -8.76 16.53 7.02
N MET C 225 -8.45 17.72 6.50
CA MET C 225 -7.29 18.52 6.88
C MET C 225 -5.99 17.75 6.80
N LEU C 226 -5.57 17.68 5.56
CA LEU C 226 -4.36 16.97 5.12
C LEU C 226 -3.12 17.48 5.82
N ARG C 227 -2.32 16.58 6.35
CA ARG C 227 -1.10 16.94 7.09
C ARG C 227 0.02 15.93 6.95
N ASP C 228 1.25 16.29 7.27
CA ASP C 228 2.34 15.34 7.26
C ASP C 228 2.31 14.35 8.41
N THR C 229 2.69 13.10 8.20
CA THR C 229 2.68 12.14 9.31
C THR C 229 3.87 12.24 10.25
N LYS C 230 3.66 11.96 11.54
CA LYS C 230 4.80 11.84 12.46
C LYS C 230 5.57 10.53 12.25
N PHE C 231 4.95 9.55 11.60
CA PHE C 231 5.53 8.22 11.41
C PHE C 231 6.80 8.07 10.55
N ILE C 232 7.30 9.13 9.92
CA ILE C 232 8.55 9.02 9.16
C ILE C 232 9.40 10.29 9.22
N GLU C 233 10.71 10.11 9.39
CA GLU C 233 11.63 11.25 9.47
C GLU C 233 13.07 11.00 9.04
N GLN C 234 13.80 12.10 8.83
CA GLN C 234 15.23 12.02 8.52
C GLN C 234 16.06 13.20 9.03
N THR C 235 17.33 12.94 9.30
CA THR C 235 18.28 13.99 9.70
C THR C 235 18.97 14.60 8.49
N SER C 236 19.34 13.73 7.57
CA SER C 236 19.98 14.12 6.32
C SER C 236 19.34 13.45 5.11
N PHE C 237 19.71 13.82 3.88
CA PHE C 237 19.22 13.08 2.71
C PHE C 237 19.71 11.64 2.63
N TYR C 238 18.99 10.75 1.97
CA TYR C 238 19.48 9.37 1.83
C TYR C 238 20.46 9.21 0.66
N GLN C 239 21.30 8.18 0.59
CA GLN C 239 22.20 8.00 -0.54
C GLN C 239 22.11 6.58 -1.08
N GLY D 1 -13.70 29.45 -26.24
CA GLY D 1 -13.41 28.07 -25.85
C GLY D 1 -13.28 27.83 -24.34
N ALA D 2 -13.90 28.72 -23.56
CA ALA D 2 -13.88 28.64 -22.11
C ALA D 2 -14.69 27.51 -21.50
N GLN D 3 -14.21 26.93 -20.41
CA GLN D 3 -14.95 25.90 -19.72
C GLN D 3 -15.57 26.41 -18.43
N VAL D 4 -16.85 26.22 -18.17
CA VAL D 4 -17.41 26.59 -16.89
C VAL D 4 -17.64 25.37 -16.04
N SER D 5 -17.22 25.42 -14.80
CA SER D 5 -17.39 24.27 -13.91
C SER D 5 -17.92 24.62 -12.54
N THR D 6 -18.08 23.67 -11.65
CA THR D 6 -18.63 23.92 -10.34
C THR D 6 -17.60 23.99 -9.23
N GLN D 7 -17.75 24.97 -8.35
CA GLN D 7 -16.86 25.14 -7.23
C GLN D 7 -17.22 24.28 -6.04
N LYS D 8 -16.24 23.82 -5.29
CA LYS D 8 -16.50 23.10 -4.05
C LYS D 8 -17.08 24.08 -3.01
N THR D 9 -18.35 23.96 -2.68
CA THR D 9 -18.98 24.81 -1.67
C THR D 9 -19.25 24.19 -0.31
N GLY D 10 -20.21 23.31 -0.16
CA GLY D 10 -20.52 22.71 1.12
C GLY D 10 -22.01 22.47 1.34
N ALA D 11 -22.37 21.54 2.24
CA ALA D 11 -23.78 21.29 2.47
C ALA D 11 -24.48 22.45 3.14
N HIS D 12 -25.48 22.98 2.48
CA HIS D 12 -26.21 24.12 3.02
C HIS D 12 -27.36 23.72 3.91
N GLU D 13 -27.67 24.61 4.84
CA GLU D 13 -28.83 24.44 5.71
C GLU D 13 -30.14 24.27 4.94
N THR D 14 -30.96 23.26 5.24
CA THR D 14 -32.24 23.06 4.53
C THR D 14 -33.25 24.21 4.54
N SER D 22 -24.91 24.96 -2.10
CA SER D 22 -25.55 25.31 -3.39
C SER D 22 -24.59 25.48 -4.58
N ILE D 23 -25.06 25.82 -5.79
CA ILE D 23 -24.20 25.86 -6.97
C ILE D 23 -23.48 27.16 -7.34
N ILE D 24 -22.18 27.27 -7.11
CA ILE D 24 -21.41 28.40 -7.61
C ILE D 24 -20.47 27.90 -8.70
N HIS D 25 -20.12 28.72 -9.67
CA HIS D 25 -19.27 28.28 -10.77
C HIS D 25 -17.90 28.89 -10.90
N TYR D 26 -16.96 28.28 -11.60
CA TYR D 26 -15.71 28.95 -11.88
C TYR D 26 -15.35 28.78 -13.34
N THR D 27 -14.51 29.63 -13.89
CA THR D 27 -14.14 29.56 -15.28
C THR D 27 -12.76 29.02 -15.56
N ASN D 28 -12.62 28.21 -16.60
CA ASN D 28 -11.32 27.68 -16.97
C ASN D 28 -10.95 27.92 -18.41
N ILE D 29 -9.77 28.50 -18.67
CA ILE D 29 -9.28 28.56 -20.04
C ILE D 29 -7.89 27.96 -20.07
N ASN D 30 -7.66 26.88 -20.82
CA ASN D 30 -6.35 26.28 -20.93
C ASN D 30 -5.48 27.11 -21.85
N TYR D 31 -4.40 27.62 -21.29
CA TYR D 31 -3.49 28.52 -21.98
C TYR D 31 -2.42 27.84 -22.82
N TYR D 32 -2.05 26.61 -22.48
CA TYR D 32 -0.97 25.92 -23.16
C TYR D 32 -1.35 24.73 -24.05
N LYS D 33 -0.52 24.48 -25.07
CA LYS D 33 -0.68 23.42 -26.07
C LYS D 33 -0.51 21.96 -25.64
N ASP D 34 -0.16 21.75 -24.38
CA ASP D 34 0.16 20.48 -23.80
C ASP D 34 -0.69 20.09 -22.61
N ALA D 35 -1.52 19.08 -22.59
CA ALA D 35 -2.36 18.74 -21.43
C ALA D 35 -1.65 18.58 -20.09
N ALA D 36 -0.36 18.29 -20.14
CA ALA D 36 0.49 18.21 -18.95
C ALA D 36 0.49 19.50 -18.18
N SER D 37 0.42 20.62 -18.88
CA SER D 37 0.36 21.94 -18.28
C SER D 37 -0.89 22.31 -17.50
N ASN D 38 -1.93 21.51 -17.58
CA ASN D 38 -3.19 21.78 -16.90
C ASN D 38 -3.26 21.64 -15.40
N SER D 39 -4.20 22.35 -14.76
CA SER D 39 -4.50 22.22 -13.34
C SER D 39 -4.67 20.79 -12.82
N ALA D 40 -4.44 20.57 -11.55
CA ALA D 40 -4.67 19.26 -10.94
C ALA D 40 -6.09 18.74 -10.96
N ASN D 41 -6.31 17.49 -11.33
CA ASN D 41 -7.62 16.85 -11.35
C ASN D 41 -8.15 16.61 -9.94
N ARG D 42 -8.53 17.68 -9.23
CA ARG D 42 -8.94 17.56 -7.84
C ARG D 42 -10.38 17.27 -7.54
N GLN D 43 -11.25 17.36 -8.55
CA GLN D 43 -12.66 17.21 -8.29
C GLN D 43 -13.33 15.89 -8.63
N ASP D 44 -12.55 14.83 -8.83
CA ASP D 44 -13.11 13.52 -9.16
C ASP D 44 -13.24 12.61 -7.95
N PHE D 45 -14.30 12.69 -7.16
CA PHE D 45 -14.46 11.90 -5.93
C PHE D 45 -14.95 10.45 -6.08
N THR D 46 -14.67 9.91 -7.24
CA THR D 46 -15.02 8.55 -7.64
C THR D 46 -14.29 7.47 -6.89
N GLN D 47 -14.90 6.33 -6.62
CA GLN D 47 -14.18 5.24 -5.95
C GLN D 47 -14.72 3.85 -6.17
N ASP D 48 -13.90 2.82 -5.96
CA ASP D 48 -14.36 1.44 -6.10
C ASP D 48 -13.68 0.48 -5.16
N PRO D 49 -13.88 0.54 -3.85
CA PRO D 49 -13.15 -0.27 -2.88
C PRO D 49 -13.27 -1.76 -3.14
N GLY D 50 -14.32 -2.17 -3.86
CA GLY D 50 -14.61 -3.56 -4.23
C GLY D 50 -13.41 -4.45 -4.56
N LYS D 51 -12.54 -4.01 -5.44
CA LYS D 51 -11.35 -4.77 -5.78
C LYS D 51 -10.40 -5.14 -4.65
N PHE D 52 -10.45 -4.36 -3.58
CA PHE D 52 -9.64 -4.57 -2.39
C PHE D 52 -10.43 -5.15 -1.23
N THR D 53 -11.63 -4.62 -1.00
CA THR D 53 -12.48 -5.07 0.07
C THR D 53 -13.23 -6.38 -0.21
N GLU D 54 -13.53 -6.64 -1.46
CA GLU D 54 -14.20 -7.85 -1.89
C GLU D 54 -13.68 -8.53 -3.18
N PRO D 55 -12.42 -9.02 -3.33
CA PRO D 55 -11.94 -9.69 -4.54
C PRO D 55 -12.46 -11.11 -4.69
N MET D 56 -13.73 -11.38 -4.46
CA MET D 56 -14.28 -12.72 -4.42
C MET D 56 -14.80 -13.27 -5.74
N LYS D 57 -14.51 -14.51 -6.10
CA LYS D 57 -15.10 -15.14 -7.27
C LYS D 57 -16.57 -15.42 -7.07
N ASP D 58 -16.91 -15.96 -5.91
CA ASP D 58 -18.30 -16.16 -5.57
C ASP D 58 -18.81 -15.02 -4.69
N VAL D 59 -19.86 -14.33 -5.10
CA VAL D 59 -20.38 -13.18 -4.38
C VAL D 59 -20.84 -13.44 -2.96
N MET D 60 -20.21 -12.77 -2.00
CA MET D 60 -20.59 -12.94 -0.61
C MET D 60 -21.71 -12.06 -0.06
N ILE D 61 -22.92 -12.60 -0.04
CA ILE D 61 -24.12 -11.92 0.44
C ILE D 61 -24.12 -11.70 1.96
N LYS D 62 -24.04 -10.48 2.44
CA LYS D 62 -24.00 -10.16 3.88
C LYS D 62 -24.99 -10.88 4.82
N THR D 63 -26.26 -11.00 4.48
CA THR D 63 -27.21 -11.64 5.40
C THR D 63 -27.09 -13.14 5.51
N LEU D 64 -26.32 -13.74 4.63
CA LEU D 64 -26.09 -15.18 4.61
C LEU D 64 -24.84 -15.61 5.38
N PRO D 65 -24.70 -16.87 5.83
CA PRO D 65 -23.46 -17.35 6.40
C PRO D 65 -22.35 -17.41 5.36
N ALA D 66 -21.15 -16.95 5.70
CA ALA D 66 -20.01 -17.00 4.80
C ALA D 66 -19.62 -18.38 4.26
N LEU D 67 -19.84 -19.37 5.10
CA LEU D 67 -19.59 -20.76 4.76
C LEU D 67 -20.78 -21.65 4.98
N ASN D 68 -21.06 -22.52 4.01
CA ASN D 68 -22.20 -23.40 4.10
C ASN D 68 -22.06 -24.64 3.21
#